data_5RAC
#
_entry.id   5RAC
#
_cell.length_a   57.890
_cell.length_b   93.950
_cell.length_c   93.270
_cell.angle_alpha   90.000
_cell.angle_beta   108.050
_cell.angle_gamma   90.000
#
_symmetry.space_group_name_H-M   'P 1 21 1'
#
loop_
_entity.id
_entity.type
_entity.pdbx_description
1 polymer 'Lysine-specific demethylase 3B'
2 non-polymer 4-[(3,4-dihydroisoquinolin-2(1H)-yl)methyl]phenol
3 non-polymer 'CHLORIDE ION'
4 non-polymer 'MANGANESE (II) ION'
5 water water
#
_entity_poly.entity_id   1
_entity_poly.type   'polypeptide(L)'
_entity_poly.pdbx_seq_one_letter_code
;MHHHHHHSSGVDLGTENLYFQSMTSHSWLCDGRLLCLHDPSNKNNWKIFRECWKQGQPVLVSGVHKKLKSELWKPEAFSQ
EFGDQDVDLVNCRNCAIISDVKVRDFWDGFEIICKRLRSEDGQPMVLKLKDWPPGEDFRDMMPTRFEDLMENLPLPEYTK
RDGRLNLASRLPSYFVRPDLGPKMYNAYGLITAEDRRVGTTNLHLDVSDAVNVMVYVGIPIGEGAHDEEVLKTIDEGDAD
EVTKERIHDHKEKPGALWHIYAAKDAEKIRELLRKVGEEQGQENPPDHDPIHDQSWYLDQTLRKRLYEEYGVQGWAIVQF
LGDAVFIPAGAPHQVHNLYSCIKVAEDFVSPEHVKHCFRLTQEFRHLSNTHT
;
_entity_poly.pdbx_strand_id   A,B
#
# COMPACT_ATOMS: atom_id res chain seq x y z
N SER A 22 -0.96 -25.72 -44.86
CA SER A 22 -0.60 -24.33 -45.28
C SER A 22 -0.41 -23.42 -44.06
N MET A 23 0.40 -22.37 -44.21
CA MET A 23 0.62 -21.31 -43.18
C MET A 23 -0.54 -20.31 -43.25
N THR A 24 -1.24 -20.10 -42.13
CA THR A 24 -2.43 -19.23 -42.06
C THR A 24 -2.24 -18.13 -40.99
N SER A 25 -3.02 -17.06 -41.09
CA SER A 25 -2.95 -15.86 -40.22
C SER A 25 -3.36 -16.23 -38.77
N HIS A 26 -4.31 -17.15 -38.56
CA HIS A 26 -4.90 -17.38 -37.22
C HIS A 26 -5.73 -18.65 -37.22
N SER A 27 -6.12 -19.05 -36.03
CA SER A 27 -7.02 -20.18 -35.74
C SER A 27 -7.74 -19.89 -34.42
N TRP A 28 -8.59 -20.82 -34.00
CA TRP A 28 -9.48 -20.65 -32.83
C TRP A 28 -9.18 -21.80 -31.85
N LEU A 29 -9.05 -21.48 -30.58
CA LEU A 29 -8.99 -22.49 -29.50
C LEU A 29 -10.21 -22.37 -28.62
N CYS A 30 -10.29 -23.18 -27.55
CA CYS A 30 -11.44 -23.13 -26.60
C CYS A 30 -12.77 -23.23 -27.36
N ASP A 31 -12.82 -24.13 -28.33
CA ASP A 31 -14.03 -24.40 -29.15
C ASP A 31 -14.55 -23.15 -29.84
N GLY A 32 -13.68 -22.30 -30.42
CA GLY A 32 -14.08 -21.04 -31.10
C GLY A 32 -14.06 -19.82 -30.22
N ARG A 33 -13.81 -19.97 -28.90
CA ARG A 33 -13.95 -18.80 -27.97
C ARG A 33 -12.61 -18.02 -27.80
N LEU A 34 -11.49 -18.51 -28.32
CA LEU A 34 -10.15 -17.87 -28.08
C LEU A 34 -9.44 -17.68 -29.43
N LEU A 35 -9.10 -16.44 -29.79
CA LEU A 35 -8.22 -16.17 -30.94
C LEU A 35 -6.79 -16.66 -30.69
N CYS A 36 -6.23 -17.40 -31.67
N CYS A 36 -6.23 -17.34 -31.70
CA CYS A 36 -4.77 -17.75 -31.74
CA CYS A 36 -4.80 -17.74 -31.78
C CYS A 36 -4.13 -17.15 -33.00
C CYS A 36 -4.15 -17.12 -33.02
N LEU A 37 -3.27 -16.15 -32.82
CA LEU A 37 -2.53 -15.52 -33.94
C LEU A 37 -1.26 -16.34 -34.19
N HIS A 38 -0.89 -16.55 -35.46
CA HIS A 38 0.21 -17.52 -35.78
C HIS A 38 1.57 -16.87 -36.02
N ASP A 39 1.60 -15.65 -36.51
CA ASP A 39 2.81 -14.86 -36.90
C ASP A 39 2.97 -13.69 -35.93
N PRO A 40 3.92 -13.79 -34.97
CA PRO A 40 4.02 -12.78 -33.93
C PRO A 40 4.36 -11.36 -34.41
N SER A 41 4.97 -11.18 -35.60
CA SER A 41 5.48 -9.89 -36.07
C SER A 41 4.67 -9.34 -37.25
N ASN A 42 3.56 -9.98 -37.62
CA ASN A 42 2.77 -9.52 -38.79
C ASN A 42 2.11 -8.17 -38.46
N LYS A 43 2.36 -7.16 -39.29
CA LYS A 43 1.85 -5.77 -39.11
C LYS A 43 0.32 -5.71 -39.31
N ASN A 44 -0.32 -6.80 -39.72
CA ASN A 44 -1.79 -6.89 -39.97
C ASN A 44 -2.54 -7.48 -38.75
N ASN A 45 -1.83 -7.84 -37.68
CA ASN A 45 -2.42 -8.57 -36.50
C ASN A 45 -3.49 -7.75 -35.77
N TRP A 46 -3.28 -6.43 -35.64
CA TRP A 46 -4.21 -5.49 -34.97
C TRP A 46 -5.61 -5.63 -35.58
N LYS A 47 -5.69 -5.93 -36.89
CA LYS A 47 -6.98 -6.06 -37.63
C LYS A 47 -7.79 -7.24 -37.09
N ILE A 48 -7.11 -8.29 -36.62
CA ILE A 48 -7.69 -9.58 -36.12
C ILE A 48 -7.99 -9.45 -34.61
N PHE A 49 -7.07 -8.83 -33.89
CA PHE A 49 -6.95 -8.73 -32.41
C PHE A 49 -7.97 -7.81 -31.77
N ARG A 50 -8.16 -6.63 -32.35
N ARG A 50 -8.18 -6.62 -32.32
CA ARG A 50 -8.87 -5.50 -31.70
CA ARG A 50 -8.87 -5.53 -31.60
C ARG A 50 -10.34 -5.88 -31.43
C ARG A 50 -10.36 -5.88 -31.41
N GLU A 51 -10.98 -6.60 -32.34
CA GLU A 51 -12.42 -7.00 -32.16
C GLU A 51 -12.57 -7.97 -30.96
N CYS A 52 -11.70 -8.98 -30.86
CA CYS A 52 -11.75 -9.93 -29.71
C CYS A 52 -11.37 -9.22 -28.41
N TRP A 53 -10.35 -8.39 -28.46
CA TRP A 53 -9.84 -7.68 -27.26
C TRP A 53 -10.94 -6.75 -26.70
N LYS A 54 -11.65 -6.02 -27.56
CA LYS A 54 -12.68 -5.05 -27.09
C LYS A 54 -13.75 -5.77 -26.27
N GLN A 55 -14.03 -7.05 -26.54
CA GLN A 55 -15.06 -7.86 -25.87
C GLN A 55 -14.56 -8.37 -24.51
N GLY A 56 -13.32 -8.12 -24.13
CA GLY A 56 -12.83 -8.57 -22.81
C GLY A 56 -12.34 -10.01 -22.85
N GLN A 57 -11.98 -10.52 -24.03
CA GLN A 57 -11.44 -11.92 -24.18
C GLN A 57 -9.91 -11.90 -24.08
N PRO A 58 -9.29 -12.93 -23.48
CA PRO A 58 -7.86 -13.13 -23.65
C PRO A 58 -7.57 -13.52 -25.10
N VAL A 59 -6.30 -13.45 -25.48
CA VAL A 59 -5.80 -13.78 -26.86
C VAL A 59 -4.47 -14.52 -26.70
N LEU A 60 -4.20 -15.53 -27.54
CA LEU A 60 -2.91 -16.26 -27.53
C LEU A 60 -2.16 -15.89 -28.82
N VAL A 61 -0.85 -15.62 -28.75
CA VAL A 61 -0.01 -15.46 -29.98
C VAL A 61 1.12 -16.50 -29.94
N SER A 62 1.20 -17.39 -30.93
CA SER A 62 2.25 -18.45 -30.93
C SER A 62 3.53 -17.97 -31.68
N GLY A 63 4.68 -18.59 -31.38
CA GLY A 63 5.87 -18.51 -32.23
C GLY A 63 6.89 -17.50 -31.78
N VAL A 64 6.74 -16.89 -30.59
CA VAL A 64 7.64 -15.80 -30.15
C VAL A 64 9.07 -16.35 -29.89
N HIS A 65 9.19 -17.61 -29.51
CA HIS A 65 10.52 -18.25 -29.21
C HIS A 65 11.44 -18.19 -30.45
N LYS A 66 10.86 -18.29 -31.65
CA LYS A 66 11.61 -18.27 -32.94
C LYS A 66 12.18 -16.87 -33.24
N LYS A 67 11.73 -15.82 -32.54
CA LYS A 67 12.22 -14.44 -32.71
C LYS A 67 13.34 -14.10 -31.72
N LEU A 68 13.57 -14.95 -30.73
CA LEU A 68 14.44 -14.65 -29.55
C LEU A 68 15.82 -15.31 -29.77
N LYS A 69 16.83 -14.82 -29.07
CA LYS A 69 18.18 -15.45 -29.00
C LYS A 69 18.13 -16.48 -27.87
N SER A 70 17.96 -17.75 -28.22
CA SER A 70 17.60 -18.85 -27.30
C SER A 70 18.70 -19.06 -26.24
N GLU A 71 19.95 -18.65 -26.53
CA GLU A 71 21.09 -18.78 -25.57
C GLU A 71 20.92 -17.81 -24.37
N LEU A 72 20.17 -16.71 -24.52
CA LEU A 72 19.92 -15.73 -23.43
C LEU A 72 18.89 -16.26 -22.41
N TRP A 73 18.15 -17.33 -22.71
CA TRP A 73 16.96 -17.73 -21.91
C TRP A 73 17.16 -19.11 -21.26
N LYS A 74 18.41 -19.57 -21.09
CA LYS A 74 18.70 -20.92 -20.52
C LYS A 74 18.89 -20.84 -19.01
N PRO A 75 18.36 -21.80 -18.21
CA PRO A 75 18.59 -21.79 -16.78
C PRO A 75 20.08 -21.83 -16.35
N GLU A 76 20.94 -22.54 -17.08
CA GLU A 76 22.40 -22.64 -16.76
C GLU A 76 23.09 -21.27 -16.87
N ALA A 77 22.69 -20.43 -17.82
CA ALA A 77 23.24 -19.06 -17.98
C ALA A 77 22.81 -18.19 -16.79
N PHE A 78 21.55 -18.27 -16.37
CA PHE A 78 21.06 -17.51 -15.20
C PHE A 78 21.88 -17.91 -13.97
N SER A 79 22.12 -19.21 -13.74
CA SER A 79 22.88 -19.67 -12.55
C SER A 79 24.34 -19.15 -12.64
N GLN A 80 24.97 -19.26 -13.81
CA GLN A 80 26.40 -18.86 -14.02
C GLN A 80 26.53 -17.35 -13.78
N GLU A 81 25.62 -16.54 -14.31
CA GLU A 81 25.78 -15.07 -14.31
C GLU A 81 25.34 -14.47 -12.98
N PHE A 82 24.33 -15.03 -12.29
CA PHE A 82 23.63 -14.30 -11.21
C PHE A 82 23.56 -15.15 -9.93
N GLY A 83 24.19 -16.32 -9.94
CA GLY A 83 23.96 -17.37 -8.93
C GLY A 83 24.28 -16.96 -7.51
N ASP A 84 25.12 -15.93 -7.31
CA ASP A 84 25.50 -15.47 -5.94
C ASP A 84 24.52 -14.49 -5.29
N GLN A 85 23.46 -14.05 -5.97
CA GLN A 85 22.43 -13.18 -5.36
C GLN A 85 21.61 -13.92 -4.31
N ASP A 86 21.17 -13.20 -3.28
CA ASP A 86 20.33 -13.72 -2.17
C ASP A 86 18.83 -13.54 -2.52
N VAL A 87 18.00 -14.55 -2.25
CA VAL A 87 16.57 -14.53 -2.64
C VAL A 87 15.77 -15.35 -1.65
N ASP A 88 14.45 -15.24 -1.76
CA ASP A 88 13.49 -16.14 -1.06
C ASP A 88 12.81 -17.00 -2.12
N LEU A 89 12.44 -18.22 -1.75
CA LEU A 89 11.64 -19.17 -2.57
C LEU A 89 10.35 -19.45 -1.82
N VAL A 90 9.36 -20.01 -2.50
CA VAL A 90 8.12 -20.56 -1.89
C VAL A 90 7.99 -22.04 -2.25
N ASN A 91 7.69 -22.89 -1.26
CA ASN A 91 7.29 -24.31 -1.49
C ASN A 91 5.85 -24.28 -1.97
N CYS A 92 5.61 -24.65 -3.23
CA CYS A 92 4.27 -24.52 -3.87
C CYS A 92 3.24 -25.45 -3.19
N ARG A 93 3.68 -26.55 -2.57
CA ARG A 93 2.77 -27.61 -2.01
C ARG A 93 2.14 -27.12 -0.72
N ASN A 94 2.84 -26.31 0.09
CA ASN A 94 2.35 -25.91 1.45
C ASN A 94 2.43 -24.39 1.68
N CYS A 95 2.91 -23.59 0.72
CA CYS A 95 3.12 -22.12 0.83
C CYS A 95 4.20 -21.69 1.85
N ALA A 96 5.01 -22.58 2.39
CA ALA A 96 6.13 -22.21 3.31
C ALA A 96 7.20 -21.40 2.55
N ILE A 97 7.72 -20.34 3.16
CA ILE A 97 8.77 -19.46 2.55
C ILE A 97 10.14 -20.03 2.94
N ILE A 98 11.03 -20.22 1.96
CA ILE A 98 12.44 -20.59 2.21
C ILE A 98 13.25 -19.30 2.10
N SER A 99 13.71 -18.77 3.25
CA SER A 99 14.30 -17.41 3.37
C SER A 99 15.80 -17.41 3.09
N ASP A 100 16.26 -16.41 2.37
CA ASP A 100 17.68 -15.96 2.33
C ASP A 100 18.59 -17.11 1.86
N VAL A 101 18.31 -17.66 0.67
CA VAL A 101 19.20 -18.63 -0.01
C VAL A 101 19.82 -17.98 -1.24
N LYS A 102 20.82 -18.63 -1.85
CA LYS A 102 21.47 -18.21 -3.11
C LYS A 102 20.58 -18.61 -4.27
N VAL A 103 20.50 -17.74 -5.27
CA VAL A 103 19.66 -18.00 -6.45
C VAL A 103 20.17 -19.23 -7.21
N ARG A 104 21.47 -19.58 -7.17
CA ARG A 104 21.92 -20.89 -7.76
C ARG A 104 21.21 -22.08 -7.13
N ASP A 105 20.81 -22.01 -5.86
CA ASP A 105 20.15 -23.16 -5.14
C ASP A 105 18.82 -23.48 -5.83
N PHE A 106 18.17 -22.46 -6.42
CA PHE A 106 16.94 -22.64 -7.23
C PHE A 106 17.31 -23.13 -8.64
N TRP A 107 18.18 -22.41 -9.35
CA TRP A 107 18.44 -22.68 -10.80
C TRP A 107 19.08 -24.06 -11.02
N ASP A 108 19.96 -24.52 -10.12
CA ASP A 108 20.72 -25.80 -10.35
C ASP A 108 19.78 -27.00 -10.23
N GLY A 109 18.63 -26.87 -9.57
CA GLY A 109 17.60 -27.91 -9.52
C GLY A 109 16.44 -27.71 -10.53
N PHE A 110 16.54 -26.78 -11.46
CA PHE A 110 15.43 -26.44 -12.42
C PHE A 110 14.96 -27.67 -13.21
N GLU A 111 15.91 -28.47 -13.72
CA GLU A 111 15.66 -29.67 -14.55
C GLU A 111 16.20 -30.94 -13.89
N ILE A 112 17.24 -30.84 -13.06
CA ILE A 112 17.84 -32.03 -12.38
C ILE A 112 17.21 -32.23 -11.02
N ILE A 113 16.33 -33.22 -10.90
CA ILE A 113 15.51 -33.42 -9.68
C ILE A 113 16.43 -33.74 -8.50
N CYS A 114 17.55 -34.50 -8.67
CA CYS A 114 18.47 -34.95 -7.57
C CYS A 114 19.20 -33.72 -6.98
N LYS A 115 19.13 -32.54 -7.60
CA LYS A 115 19.76 -31.34 -7.00
C LYS A 115 18.77 -30.42 -6.27
N ARG A 116 17.49 -30.77 -6.18
CA ARG A 116 16.50 -29.88 -5.51
C ARG A 116 16.62 -29.90 -3.99
N LEU A 117 16.43 -28.75 -3.34
CA LEU A 117 16.26 -28.64 -1.87
C LEU A 117 15.12 -29.57 -1.47
N ARG A 118 15.28 -30.27 -0.35
CA ARG A 118 14.32 -31.31 0.13
C ARG A 118 13.49 -30.78 1.30
N SER A 119 12.23 -31.19 1.34
CA SER A 119 11.31 -30.99 2.50
C SER A 119 11.65 -32.06 3.57
N GLU A 120 11.16 -31.84 4.79
CA GLU A 120 11.29 -32.76 5.96
C GLU A 120 11.04 -34.22 5.56
N ASP A 121 10.01 -34.49 4.76
CA ASP A 121 9.61 -35.85 4.33
C ASP A 121 10.69 -36.46 3.41
N GLY A 122 11.73 -35.68 3.05
CA GLY A 122 12.83 -36.12 2.17
C GLY A 122 12.53 -36.12 0.67
N GLN A 123 11.37 -35.59 0.24
CA GLN A 123 11.03 -35.47 -1.21
C GLN A 123 11.72 -34.23 -1.77
N PRO A 124 12.05 -34.17 -3.08
CA PRO A 124 12.49 -32.91 -3.66
C PRO A 124 11.31 -31.90 -3.73
N MET A 125 11.53 -30.63 -3.37
CA MET A 125 10.42 -29.63 -3.32
C MET A 125 10.09 -29.11 -4.72
N VAL A 126 8.80 -28.78 -4.93
CA VAL A 126 8.34 -27.93 -6.08
C VAL A 126 8.40 -26.48 -5.63
N LEU A 127 9.34 -25.71 -6.19
CA LEU A 127 9.69 -24.35 -5.70
C LEU A 127 9.38 -23.30 -6.75
N LYS A 128 8.97 -22.13 -6.28
CA LYS A 128 8.80 -20.87 -7.04
C LYS A 128 9.86 -19.87 -6.54
N LEU A 129 10.57 -19.19 -7.44
CA LEU A 129 11.53 -18.11 -7.13
C LEU A 129 10.73 -16.80 -7.01
N LYS A 130 10.71 -16.22 -5.81
CA LYS A 130 9.91 -15.00 -5.49
C LYS A 130 10.65 -13.75 -5.95
N ASP A 131 9.96 -12.85 -6.68
CA ASP A 131 10.36 -11.44 -6.93
C ASP A 131 11.82 -11.34 -7.44
N TRP A 132 12.14 -11.95 -8.58
CA TRP A 132 13.52 -12.00 -9.17
C TRP A 132 13.48 -11.91 -10.68
N PRO A 133 14.22 -10.97 -11.31
CA PRO A 133 14.85 -9.84 -10.61
C PRO A 133 13.89 -8.99 -9.77
N PRO A 134 14.36 -8.37 -8.66
CA PRO A 134 13.47 -7.71 -7.72
C PRO A 134 12.93 -6.36 -8.25
N GLY A 135 11.68 -6.05 -7.86
CA GLY A 135 11.03 -4.76 -8.14
C GLY A 135 11.09 -4.44 -9.62
N GLU A 136 11.67 -3.28 -9.96
CA GLU A 136 11.78 -2.76 -11.35
C GLU A 136 13.18 -3.01 -11.92
N ASP A 137 13.98 -3.92 -11.35
CA ASP A 137 15.43 -4.00 -11.66
C ASP A 137 15.74 -4.82 -12.92
N PHE A 138 14.77 -5.37 -13.67
CA PHE A 138 15.07 -6.30 -14.79
C PHE A 138 15.98 -5.60 -15.79
N ARG A 139 15.64 -4.36 -16.17
CA ARG A 139 16.36 -3.64 -17.28
C ARG A 139 17.84 -3.41 -16.90
N ASP A 140 18.08 -2.99 -15.66
CA ASP A 140 19.44 -2.66 -15.13
C ASP A 140 20.27 -3.95 -14.99
N MET A 141 19.66 -5.03 -14.47
CA MET A 141 20.41 -6.28 -14.19
C MET A 141 20.69 -7.05 -15.49
N MET A 142 19.75 -7.02 -16.46
CA MET A 142 19.81 -7.88 -17.68
C MET A 142 19.51 -7.08 -18.97
N PRO A 143 20.35 -6.07 -19.32
CA PRO A 143 20.06 -5.18 -20.45
C PRO A 143 19.93 -5.87 -21.82
N THR A 144 20.70 -6.92 -22.05
CA THR A 144 20.68 -7.69 -23.33
C THR A 144 19.36 -8.51 -23.43
N ARG A 145 18.93 -9.15 -22.32
CA ARG A 145 17.62 -9.87 -22.20
C ARG A 145 16.48 -8.90 -22.45
N PHE A 146 16.53 -7.74 -21.80
CA PHE A 146 15.51 -6.67 -21.91
C PHE A 146 15.32 -6.31 -23.39
N GLU A 147 16.42 -5.99 -24.09
CA GLU A 147 16.41 -5.63 -25.53
C GLU A 147 15.76 -6.74 -26.36
N ASP A 148 16.19 -7.99 -26.17
CA ASP A 148 15.78 -9.18 -26.96
C ASP A 148 14.25 -9.39 -26.82
N LEU A 149 13.73 -9.20 -25.62
CA LEU A 149 12.29 -9.43 -25.33
C LEU A 149 11.48 -8.24 -25.86
N MET A 150 11.78 -7.02 -25.44
CA MET A 150 10.95 -5.82 -25.76
C MET A 150 10.87 -5.62 -27.29
N GLU A 151 11.93 -5.91 -28.05
CA GLU A 151 11.98 -5.73 -29.52
C GLU A 151 11.15 -6.82 -30.22
N ASN A 152 10.71 -7.87 -29.54
CA ASN A 152 10.02 -9.00 -30.21
C ASN A 152 8.60 -9.24 -29.60
N LEU A 153 8.09 -8.34 -28.76
CA LEU A 153 6.69 -8.49 -28.25
C LEU A 153 5.71 -8.32 -29.41
N PRO A 154 4.68 -9.20 -29.48
CA PRO A 154 3.59 -9.01 -30.44
C PRO A 154 2.71 -7.80 -30.10
N LEU A 155 1.93 -7.33 -31.09
CA LEU A 155 0.97 -6.19 -30.96
C LEU A 155 1.72 -4.97 -30.36
N PRO A 156 2.84 -4.54 -31.01
CA PRO A 156 3.76 -3.56 -30.40
C PRO A 156 3.15 -2.17 -30.18
N GLU A 157 2.07 -1.78 -30.88
CA GLU A 157 1.40 -0.46 -30.62
C GLU A 157 0.72 -0.49 -29.26
N TYR A 158 0.30 -1.68 -28.81
CA TYR A 158 -0.29 -1.90 -27.45
C TYR A 158 0.81 -2.12 -26.41
N THR A 159 1.82 -2.97 -26.68
CA THR A 159 2.69 -3.52 -25.63
C THR A 159 4.00 -2.73 -25.41
N LYS A 160 4.51 -1.98 -26.38
CA LYS A 160 5.80 -1.21 -26.22
C LYS A 160 5.56 0.03 -25.35
N ARG A 161 6.54 0.42 -24.53
CA ARG A 161 6.34 1.47 -23.47
C ARG A 161 5.81 2.75 -24.13
N ASP A 162 6.25 3.04 -25.37
CA ASP A 162 5.92 4.26 -26.14
C ASP A 162 4.93 3.95 -27.29
N GLY A 163 4.30 2.78 -27.31
CA GLY A 163 3.33 2.42 -28.36
C GLY A 163 2.19 3.39 -28.40
N ARG A 164 1.65 3.67 -29.59
CA ARG A 164 0.55 4.68 -29.81
C ARG A 164 -0.71 4.28 -29.05
N LEU A 165 -0.97 3.00 -28.76
CA LEU A 165 -2.21 2.55 -28.08
C LEU A 165 -1.90 2.09 -26.66
N ASN A 166 -0.72 2.40 -26.14
CA ASN A 166 -0.40 2.17 -24.71
C ASN A 166 -0.56 3.52 -23.97
N LEU A 167 -1.53 3.60 -23.06
CA LEU A 167 -1.78 4.86 -22.30
C LEU A 167 -0.94 4.90 -21.01
N ALA A 168 -0.04 3.93 -20.77
CA ALA A 168 0.68 3.79 -19.47
C ALA A 168 1.37 5.10 -19.08
N SER A 169 1.99 5.79 -20.04
CA SER A 169 2.85 6.96 -19.79
C SER A 169 2.08 8.26 -19.97
N ARG A 170 0.78 8.18 -20.24
CA ARG A 170 -0.04 9.32 -20.73
C ARG A 170 -1.16 9.64 -19.75
N LEU A 171 -1.23 8.98 -18.61
CA LEU A 171 -2.44 9.13 -17.74
C LEU A 171 -2.13 9.97 -16.49
N PRO A 172 -3.10 10.76 -15.97
CA PRO A 172 -2.90 11.45 -14.70
C PRO A 172 -3.10 10.52 -13.49
N SER A 173 -2.89 11.07 -12.28
CA SER A 173 -2.85 10.33 -11.00
C SER A 173 -4.22 9.77 -10.61
N TYR A 174 -5.26 10.17 -11.32
CA TYR A 174 -6.62 9.60 -11.16
C TYR A 174 -6.63 8.12 -11.64
N PHE A 175 -5.57 7.66 -12.30
CA PHE A 175 -5.43 6.25 -12.78
C PHE A 175 -4.25 5.58 -12.09
N VAL A 176 -4.38 4.29 -11.74
CA VAL A 176 -3.23 3.48 -11.25
C VAL A 176 -2.39 3.07 -12.46
N ARG A 177 -1.12 3.47 -12.48
CA ARG A 177 -0.15 3.24 -13.57
C ARG A 177 0.61 1.97 -13.23
N PRO A 178 1.02 1.16 -14.22
CA PRO A 178 1.82 -0.03 -13.95
C PRO A 178 3.24 0.36 -13.57
N ASP A 179 3.98 -0.49 -12.85
CA ASP A 179 5.42 -0.27 -12.59
C ASP A 179 6.15 -0.47 -13.92
N LEU A 180 7.41 -0.07 -13.97
CA LEU A 180 8.32 -0.36 -15.11
C LEU A 180 8.66 -1.86 -15.06
N GLY A 181 8.49 -2.56 -16.19
CA GLY A 181 8.74 -4.01 -16.26
C GLY A 181 9.89 -4.23 -17.23
N PRO A 182 9.99 -5.40 -17.85
CA PRO A 182 9.14 -6.54 -17.52
C PRO A 182 9.47 -7.18 -16.15
N LYS A 183 8.75 -8.25 -15.82
CA LYS A 183 8.94 -9.09 -14.62
C LYS A 183 9.12 -10.55 -15.08
N MET A 184 9.99 -11.26 -14.40
CA MET A 184 10.28 -12.67 -14.66
C MET A 184 9.57 -13.54 -13.64
N TYR A 185 9.03 -14.69 -14.08
CA TYR A 185 8.22 -15.64 -13.27
C TYR A 185 8.83 -17.02 -13.51
N ASN A 186 9.55 -17.53 -12.50
CA ASN A 186 10.38 -18.77 -12.58
C ASN A 186 9.88 -19.74 -11.52
N ALA A 187 9.51 -20.97 -11.93
CA ALA A 187 9.02 -21.99 -10.97
C ALA A 187 9.14 -23.38 -11.57
N TYR A 188 9.30 -24.37 -10.68
CA TYR A 188 9.37 -25.79 -11.10
C TYR A 188 7.95 -26.22 -11.55
N GLY A 189 7.86 -27.35 -12.25
CA GLY A 189 6.59 -28.02 -12.57
C GLY A 189 6.02 -28.83 -11.42
N LEU A 190 4.70 -28.85 -11.31
CA LEU A 190 3.95 -29.67 -10.33
C LEU A 190 3.90 -31.09 -10.89
N ILE A 191 3.93 -32.09 -10.03
CA ILE A 191 4.37 -33.47 -10.41
C ILE A 191 3.25 -34.50 -10.12
N THR A 192 2.72 -34.53 -8.91
CA THR A 192 1.88 -35.66 -8.43
C THR A 192 0.39 -35.41 -8.66
N ALA A 193 -0.43 -36.44 -8.40
CA ALA A 193 -1.92 -36.37 -8.38
C ALA A 193 -2.38 -35.30 -7.38
N GLU A 194 -1.80 -35.25 -6.18
CA GLU A 194 -2.16 -34.25 -5.14
C GLU A 194 -1.81 -32.83 -5.63
N ASP A 195 -0.72 -32.68 -6.39
CA ASP A 195 -0.23 -31.38 -6.90
C ASP A 195 -1.28 -30.77 -7.86
N ARG A 196 -2.18 -31.58 -8.43
CA ARG A 196 -3.20 -31.14 -9.42
C ARG A 196 -4.12 -30.08 -8.79
N ARG A 197 -4.22 -30.05 -7.48
CA ARG A 197 -5.15 -29.18 -6.72
C ARG A 197 -4.45 -27.89 -6.26
N VAL A 198 -3.21 -27.66 -6.64
CA VAL A 198 -2.41 -26.51 -6.11
C VAL A 198 -2.06 -25.61 -7.30
N GLY A 199 -1.88 -24.30 -7.08
CA GLY A 199 -1.42 -23.38 -8.13
C GLY A 199 0.08 -23.07 -8.03
N THR A 200 0.66 -22.65 -9.14
CA THR A 200 1.98 -21.97 -9.15
C THR A 200 1.75 -20.51 -8.74
N THR A 201 0.76 -19.88 -9.38
CA THR A 201 0.22 -18.55 -9.01
C THR A 201 -1.30 -18.68 -8.77
N ASN A 202 -1.75 -18.33 -7.57
CA ASN A 202 -3.16 -18.42 -7.14
C ASN A 202 -4.04 -17.41 -7.92
N LEU A 203 -5.34 -17.65 -7.89
CA LEU A 203 -6.37 -16.77 -8.51
C LEU A 203 -6.25 -15.33 -7.98
N HIS A 204 -6.17 -14.36 -8.88
CA HIS A 204 -6.05 -12.90 -8.59
C HIS A 204 -6.42 -12.10 -9.83
N LEU A 205 -6.49 -10.77 -9.71
CA LEU A 205 -6.70 -9.93 -10.91
C LEU A 205 -5.71 -8.76 -10.84
N ASP A 206 -5.46 -8.14 -11.98
CA ASP A 206 -4.55 -6.98 -12.17
C ASP A 206 -5.37 -5.82 -12.74
N VAL A 207 -5.03 -4.56 -12.42
CA VAL A 207 -5.80 -3.38 -12.92
C VAL A 207 -5.26 -2.90 -14.27
N SER A 208 -4.10 -3.41 -14.70
N SER A 208 -4.11 -3.40 -14.69
CA SER A 208 -3.52 -3.16 -16.03
CA SER A 208 -3.52 -3.15 -16.03
C SER A 208 -3.66 -4.41 -16.91
C SER A 208 -3.72 -4.40 -16.91
N ASP A 209 -3.59 -4.23 -18.22
CA ASP A 209 -3.51 -5.35 -19.18
C ASP A 209 -2.09 -5.94 -19.04
N ALA A 210 -1.90 -7.18 -19.49
CA ALA A 210 -0.55 -7.80 -19.48
C ALA A 210 -0.36 -8.72 -20.68
N VAL A 211 0.89 -8.86 -21.14
CA VAL A 211 1.31 -9.92 -22.09
C VAL A 211 2.36 -10.80 -21.38
N ASN A 212 2.17 -12.11 -21.37
CA ASN A 212 3.04 -13.05 -20.62
C ASN A 212 3.62 -14.05 -21.63
N VAL A 213 4.95 -14.05 -21.84
CA VAL A 213 5.64 -14.89 -22.87
C VAL A 213 6.37 -16.06 -22.19
N MET A 214 6.15 -17.29 -22.68
CA MET A 214 6.88 -18.50 -22.26
C MET A 214 8.20 -18.54 -23.05
N VAL A 215 9.34 -18.27 -22.40
CA VAL A 215 10.67 -18.16 -23.11
C VAL A 215 11.45 -19.47 -22.93
N TYR A 216 11.08 -20.35 -22.01
CA TYR A 216 11.83 -21.63 -21.79
C TYR A 216 10.92 -22.58 -21.04
N VAL A 217 10.87 -23.83 -21.49
CA VAL A 217 10.22 -24.96 -20.80
C VAL A 217 11.28 -26.04 -20.57
N GLY A 218 11.46 -26.44 -19.32
CA GLY A 218 12.45 -27.45 -18.90
C GLY A 218 11.75 -28.70 -18.48
N ILE A 219 11.94 -29.75 -19.27
CA ILE A 219 11.39 -31.09 -18.96
C ILE A 219 12.49 -31.86 -18.24
N PRO A 220 12.32 -32.20 -16.94
CA PRO A 220 13.42 -32.71 -16.12
C PRO A 220 13.80 -34.17 -16.36
N ILE A 221 14.70 -34.65 -15.49
CA ILE A 221 15.50 -35.92 -15.59
C ILE A 221 15.85 -36.38 -14.16
N GLY A 222 15.87 -37.71 -13.96
CA GLY A 222 16.02 -38.39 -12.66
C GLY A 222 14.73 -39.09 -12.27
N GLU A 223 13.62 -38.35 -12.33
CA GLU A 223 12.24 -38.87 -12.45
C GLU A 223 11.73 -38.43 -13.83
N GLY A 224 12.42 -38.89 -14.88
CA GLY A 224 12.12 -38.63 -16.31
C GLY A 224 11.37 -39.79 -16.93
N ALA A 225 10.06 -39.63 -17.10
CA ALA A 225 9.03 -40.65 -17.47
C ALA A 225 7.70 -40.28 -16.79
N HIS A 226 7.40 -38.97 -16.74
CA HIS A 226 6.32 -38.33 -15.93
C HIS A 226 5.22 -37.82 -16.88
N ASP A 227 5.11 -38.47 -18.05
CA ASP A 227 4.42 -37.95 -19.26
C ASP A 227 2.90 -38.07 -19.10
N GLU A 228 2.42 -39.01 -18.26
CA GLU A 228 0.99 -39.41 -18.21
C GLU A 228 0.23 -38.59 -17.18
N GLU A 229 0.85 -38.17 -16.08
CA GLU A 229 0.17 -37.28 -15.08
C GLU A 229 -0.03 -35.88 -15.71
N VAL A 230 0.86 -35.45 -16.63
CA VAL A 230 0.77 -34.15 -17.38
C VAL A 230 -0.45 -34.17 -18.31
N LEU A 231 -0.69 -35.30 -19.00
CA LEU A 231 -1.88 -35.45 -19.89
C LEU A 231 -3.19 -35.45 -19.08
N LYS A 232 -3.20 -36.13 -17.94
N LYS A 232 -3.20 -36.16 -17.95
CA LYS A 232 -4.37 -36.20 -17.03
CA LYS A 232 -4.37 -36.20 -17.03
C LYS A 232 -4.67 -34.80 -16.47
C LYS A 232 -4.67 -34.77 -16.54
N THR A 233 -3.62 -34.01 -16.20
CA THR A 233 -3.80 -32.62 -15.68
C THR A 233 -4.45 -31.74 -16.75
N ILE A 234 -3.95 -31.82 -17.97
CA ILE A 234 -4.46 -31.06 -19.14
C ILE A 234 -5.91 -31.49 -19.39
N ASP A 235 -6.19 -32.79 -19.33
CA ASP A 235 -7.54 -33.33 -19.60
C ASP A 235 -8.54 -32.88 -18.52
N GLU A 236 -8.18 -33.04 -17.25
CA GLU A 236 -9.01 -32.65 -16.08
C GLU A 236 -9.12 -31.11 -16.02
N GLY A 237 -8.15 -30.40 -16.55
CA GLY A 237 -8.18 -28.92 -16.59
C GLY A 237 -9.16 -28.38 -17.61
N ASP A 238 -9.77 -29.24 -18.45
CA ASP A 238 -10.90 -28.88 -19.34
C ASP A 238 -10.32 -28.32 -20.65
N ALA A 239 -9.08 -28.67 -21.01
CA ALA A 239 -8.40 -28.20 -22.25
C ALA A 239 -9.07 -28.82 -23.48
N ASP A 240 -9.11 -28.06 -24.59
CA ASP A 240 -9.86 -28.44 -25.82
C ASP A 240 -9.04 -29.44 -26.65
N GLU A 241 -9.68 -30.05 -27.66
CA GLU A 241 -9.09 -31.15 -28.47
C GLU A 241 -8.01 -30.58 -29.41
N VAL A 242 -8.23 -29.39 -29.96
CA VAL A 242 -7.23 -28.69 -30.82
C VAL A 242 -5.93 -28.51 -30.02
N THR A 243 -6.05 -28.17 -28.74
CA THR A 243 -4.90 -27.98 -27.82
C THR A 243 -4.15 -29.31 -27.68
N LYS A 244 -4.87 -30.42 -27.53
CA LYS A 244 -4.21 -31.76 -27.39
C LYS A 244 -3.51 -32.16 -28.71
N GLU A 245 -4.00 -31.74 -29.86
CA GLU A 245 -3.34 -31.98 -31.18
C GLU A 245 -1.97 -31.27 -31.26
N ARG A 246 -1.72 -30.15 -30.55
CA ARG A 246 -0.40 -29.47 -30.52
C ARG A 246 0.68 -30.39 -29.92
N ILE A 247 0.34 -31.23 -28.95
CA ILE A 247 1.29 -32.16 -28.29
C ILE A 247 1.52 -33.37 -29.22
N HIS A 248 0.43 -34.08 -29.55
CA HIS A 248 0.45 -35.43 -30.18
C HIS A 248 0.83 -35.35 -31.66
N ASP A 249 0.35 -34.34 -32.39
CA ASP A 249 0.65 -34.19 -33.84
C ASP A 249 1.92 -33.34 -34.05
N HIS A 250 2.22 -32.29 -33.27
CA HIS A 250 3.36 -31.35 -33.55
C HIS A 250 4.51 -31.45 -32.52
N LYS A 251 4.36 -32.21 -31.44
CA LYS A 251 5.42 -32.40 -30.43
C LYS A 251 5.86 -31.04 -29.82
N GLU A 252 4.95 -30.08 -29.69
CA GLU A 252 5.23 -28.82 -28.95
C GLU A 252 5.35 -29.13 -27.45
N LYS A 253 6.18 -28.37 -26.74
CA LYS A 253 6.44 -28.50 -25.27
C LYS A 253 5.43 -27.63 -24.50
N PRO A 254 4.49 -28.22 -23.74
CA PRO A 254 3.56 -27.46 -22.91
C PRO A 254 4.22 -27.02 -21.60
N GLY A 255 4.12 -25.74 -21.26
CA GLY A 255 4.68 -25.18 -20.02
C GLY A 255 3.67 -25.07 -18.89
N ALA A 256 2.49 -24.43 -19.10
CA ALA A 256 1.60 -24.07 -17.97
C ALA A 256 0.12 -24.14 -18.40
N LEU A 257 -0.73 -24.54 -17.47
CA LEU A 257 -2.22 -24.55 -17.60
C LEU A 257 -2.77 -23.30 -16.91
N TRP A 258 -3.47 -22.44 -17.66
CA TRP A 258 -4.14 -21.21 -17.13
C TRP A 258 -5.65 -21.44 -17.10
N HIS A 259 -6.33 -20.86 -16.11
CA HIS A 259 -7.79 -20.56 -16.18
C HIS A 259 -7.94 -19.04 -16.10
N ILE A 260 -8.65 -18.45 -17.05
CA ILE A 260 -8.92 -16.99 -17.05
C ILE A 260 -10.44 -16.80 -17.07
N TYR A 261 -10.93 -15.80 -16.36
CA TYR A 261 -12.40 -15.49 -16.26
C TYR A 261 -12.63 -14.06 -16.72
N ALA A 262 -13.80 -13.80 -17.34
CA ALA A 262 -14.17 -12.42 -17.74
C ALA A 262 -14.24 -11.50 -16.52
N ALA A 263 -13.80 -10.25 -16.67
CA ALA A 263 -13.85 -9.22 -15.64
C ALA A 263 -15.29 -9.08 -15.11
N LYS A 264 -16.30 -9.30 -15.95
CA LYS A 264 -17.71 -9.11 -15.50
C LYS A 264 -18.14 -10.23 -14.53
N ASP A 265 -17.39 -11.35 -14.44
CA ASP A 265 -17.76 -12.51 -13.58
C ASP A 265 -17.03 -12.46 -12.22
N ALA A 266 -16.21 -11.44 -11.97
CA ALA A 266 -15.36 -11.37 -10.75
C ALA A 266 -16.21 -11.41 -9.47
N GLU A 267 -17.32 -10.68 -9.41
CA GLU A 267 -18.13 -10.63 -8.13
C GLU A 267 -18.77 -12.00 -7.88
N LYS A 268 -19.28 -12.71 -8.90
CA LYS A 268 -19.84 -14.07 -8.72
C LYS A 268 -18.75 -15.03 -8.20
N ILE A 269 -17.53 -14.91 -8.72
CA ILE A 269 -16.41 -15.75 -8.18
C ILE A 269 -16.20 -15.38 -6.70
N ARG A 270 -16.21 -14.10 -6.32
CA ARG A 270 -16.05 -13.72 -4.88
C ARG A 270 -17.20 -14.34 -4.02
N GLU A 271 -18.42 -14.40 -4.53
CA GLU A 271 -19.55 -15.01 -3.79
C GLU A 271 -19.26 -16.51 -3.57
N LEU A 272 -18.81 -17.27 -4.59
CA LEU A 272 -18.48 -18.71 -4.44
C LEU A 272 -17.40 -18.88 -3.37
N LEU A 273 -16.36 -18.06 -3.41
CA LEU A 273 -15.20 -18.27 -2.50
C LEU A 273 -15.55 -17.84 -1.07
N ARG A 274 -16.44 -16.85 -0.85
CA ARG A 274 -17.00 -16.58 0.51
C ARG A 274 -17.79 -17.79 1.05
N LYS A 275 -18.67 -18.41 0.25
CA LYS A 275 -19.47 -19.60 0.67
C LYS A 275 -18.52 -20.75 1.00
N VAL A 276 -17.50 -20.99 0.18
CA VAL A 276 -16.53 -22.09 0.44
C VAL A 276 -15.68 -21.76 1.66
N GLY A 277 -15.17 -20.53 1.80
CA GLY A 277 -14.44 -20.10 3.01
C GLY A 277 -15.23 -20.44 4.27
N GLU A 278 -16.55 -20.21 4.25
CA GLU A 278 -17.46 -20.43 5.41
C GLU A 278 -17.62 -21.94 5.64
N GLU A 279 -17.93 -22.72 4.60
CA GLU A 279 -18.03 -24.19 4.72
C GLU A 279 -16.76 -24.74 5.37
N GLN A 280 -15.58 -24.16 5.08
CA GLN A 280 -14.27 -24.68 5.54
C GLN A 280 -13.86 -24.04 6.88
N GLY A 281 -14.78 -23.37 7.58
CA GLY A 281 -14.53 -22.85 8.93
C GLY A 281 -13.59 -21.66 8.95
N GLN A 282 -13.26 -21.05 7.82
CA GLN A 282 -12.65 -19.68 7.83
C GLN A 282 -13.68 -18.75 8.50
N GLU A 283 -13.24 -17.70 9.16
CA GLU A 283 -14.16 -16.70 9.78
C GLU A 283 -13.78 -15.34 9.21
N ASN A 284 -14.29 -15.05 8.01
CA ASN A 284 -14.02 -13.80 7.26
C ASN A 284 -15.23 -12.90 7.45
N PRO A 285 -15.08 -11.55 7.56
CA PRO A 285 -16.22 -10.63 7.45
C PRO A 285 -16.94 -10.77 6.11
N PRO A 286 -18.24 -10.41 6.00
CA PRO A 286 -19.04 -10.79 4.82
C PRO A 286 -18.65 -10.04 3.54
N ASP A 287 -17.74 -9.06 3.66
CA ASP A 287 -17.32 -8.10 2.62
C ASP A 287 -15.91 -8.44 2.09
N HIS A 288 -15.16 -9.33 2.76
CA HIS A 288 -13.71 -9.58 2.50
C HIS A 288 -13.52 -10.04 1.05
N ASP A 289 -12.34 -9.81 0.48
CA ASP A 289 -12.10 -10.00 -0.99
C ASP A 289 -11.21 -11.23 -1.21
N PRO A 290 -11.76 -12.44 -1.44
CA PRO A 290 -10.95 -13.65 -1.63
C PRO A 290 -10.10 -13.65 -2.90
N ILE A 291 -10.45 -12.82 -3.90
CA ILE A 291 -9.61 -12.68 -5.14
C ILE A 291 -8.38 -11.83 -4.78
N HIS A 292 -8.54 -10.67 -4.13
CA HIS A 292 -7.39 -9.79 -3.75
C HIS A 292 -6.42 -10.54 -2.82
N ASP A 293 -6.96 -11.37 -1.94
CA ASP A 293 -6.25 -12.24 -0.97
C ASP A 293 -5.25 -13.20 -1.63
N GLN A 294 -5.53 -13.66 -2.86
CA GLN A 294 -4.57 -14.45 -3.69
C GLN A 294 -4.27 -15.75 -2.95
N SER A 295 -5.31 -16.33 -2.33
CA SER A 295 -5.16 -17.50 -1.43
C SER A 295 -5.88 -18.74 -1.98
N TRP A 296 -6.60 -18.64 -3.10
CA TRP A 296 -7.38 -19.76 -3.66
C TRP A 296 -6.79 -20.27 -4.99
N TYR A 297 -6.84 -21.58 -5.24
CA TYR A 297 -6.66 -22.18 -6.59
C TYR A 297 -7.95 -22.95 -6.92
N LEU A 298 -8.61 -22.63 -8.03
CA LEU A 298 -9.87 -23.31 -8.46
C LEU A 298 -9.52 -24.64 -9.10
N ASP A 299 -9.62 -25.73 -8.31
CA ASP A 299 -9.38 -27.12 -8.78
C ASP A 299 -10.62 -27.61 -9.56
N GLN A 300 -10.60 -28.86 -10.05
CA GLN A 300 -11.73 -29.39 -10.86
C GLN A 300 -13.07 -29.28 -10.12
N THR A 301 -13.10 -29.51 -8.81
CA THR A 301 -14.33 -29.48 -7.98
C THR A 301 -14.87 -28.05 -7.96
N LEU A 302 -14.01 -27.09 -7.65
CA LEU A 302 -14.44 -25.66 -7.53
C LEU A 302 -14.85 -25.11 -8.91
N ARG A 303 -14.20 -25.53 -10.01
CA ARG A 303 -14.56 -24.99 -11.35
C ARG A 303 -15.96 -25.53 -11.70
N LYS A 304 -16.26 -26.79 -11.37
CA LYS A 304 -17.57 -27.38 -11.73
C LYS A 304 -18.69 -26.65 -10.95
N ARG A 305 -18.44 -26.42 -9.67
CA ARG A 305 -19.34 -25.70 -8.74
C ARG A 305 -19.59 -24.25 -9.20
N LEU A 306 -18.56 -23.56 -9.68
CA LEU A 306 -18.68 -22.18 -10.23
C LEU A 306 -19.65 -22.20 -11.43
N TYR A 307 -19.52 -23.18 -12.29
CA TYR A 307 -20.39 -23.36 -13.48
C TYR A 307 -21.82 -23.72 -13.01
N GLU A 308 -21.99 -24.81 -12.27
CA GLU A 308 -23.34 -25.39 -11.95
C GLU A 308 -24.11 -24.37 -11.08
N GLU A 309 -23.47 -23.78 -10.06
CA GLU A 309 -24.15 -22.96 -9.01
C GLU A 309 -24.26 -21.47 -9.39
N TYR A 310 -23.37 -20.93 -10.24
CA TYR A 310 -23.27 -19.47 -10.50
C TYR A 310 -23.32 -19.18 -11.99
N GLY A 311 -23.29 -20.18 -12.87
CA GLY A 311 -23.42 -19.96 -14.31
C GLY A 311 -22.17 -19.39 -14.97
N VAL A 312 -21.00 -19.54 -14.34
CA VAL A 312 -19.74 -18.89 -14.80
C VAL A 312 -18.80 -19.93 -15.43
N GLN A 313 -18.45 -19.67 -16.69
CA GLN A 313 -17.53 -20.47 -17.53
C GLN A 313 -16.24 -19.67 -17.73
N GLY A 314 -15.09 -20.34 -17.77
CA GLY A 314 -13.78 -19.69 -18.01
C GLY A 314 -13.15 -20.17 -19.30
N TRP A 315 -11.95 -19.69 -19.59
CA TRP A 315 -11.09 -20.14 -20.69
C TRP A 315 -9.95 -20.97 -20.05
N ALA A 316 -9.82 -22.25 -20.43
CA ALA A 316 -8.71 -23.14 -20.03
C ALA A 316 -7.67 -23.10 -21.15
N ILE A 317 -6.48 -22.58 -20.88
CA ILE A 317 -5.46 -22.25 -21.90
C ILE A 317 -4.19 -23.02 -21.53
N VAL A 318 -3.63 -23.79 -22.46
CA VAL A 318 -2.28 -24.38 -22.26
C VAL A 318 -1.28 -23.50 -23.02
N GLN A 319 -0.34 -22.88 -22.27
CA GLN A 319 0.71 -21.98 -22.81
C GLN A 319 1.93 -22.87 -23.12
N PHE A 320 2.21 -23.03 -24.41
CA PHE A 320 3.38 -23.79 -24.92
C PHE A 320 4.61 -22.87 -25.00
N LEU A 321 5.80 -23.46 -25.14
CA LEU A 321 7.02 -22.67 -25.43
C LEU A 321 6.75 -21.72 -26.58
N GLY A 322 7.08 -20.44 -26.39
CA GLY A 322 6.91 -19.38 -27.39
C GLY A 322 5.51 -18.75 -27.37
N ASP A 323 4.56 -19.26 -26.61
CA ASP A 323 3.19 -18.64 -26.57
C ASP A 323 3.20 -17.36 -25.72
N ALA A 324 2.58 -16.29 -26.23
CA ALA A 324 2.29 -15.04 -25.48
C ALA A 324 0.79 -15.01 -25.14
N VAL A 325 0.45 -15.04 -23.86
CA VAL A 325 -0.94 -14.92 -23.33
C VAL A 325 -1.23 -13.43 -23.04
N PHE A 326 -2.27 -12.87 -23.62
CA PHE A 326 -2.76 -11.49 -23.39
C PHE A 326 -3.89 -11.59 -22.35
N ILE A 327 -3.72 -10.95 -21.17
CA ILE A 327 -4.72 -11.02 -20.06
C ILE A 327 -5.36 -9.64 -19.94
N PRO A 328 -6.67 -9.52 -20.19
CA PRO A 328 -7.36 -8.23 -20.05
C PRO A 328 -7.42 -7.74 -18.58
N ALA A 329 -7.24 -6.43 -18.38
CA ALA A 329 -7.43 -5.80 -17.06
C ALA A 329 -8.77 -6.21 -16.43
N GLY A 330 -8.73 -6.54 -15.13
CA GLY A 330 -9.91 -6.91 -14.33
C GLY A 330 -10.28 -8.39 -14.42
N ALA A 331 -9.61 -9.17 -15.29
CA ALA A 331 -9.90 -10.59 -15.50
C ALA A 331 -9.21 -11.45 -14.44
N PRO A 332 -9.97 -12.15 -13.55
CA PRO A 332 -9.38 -13.11 -12.63
C PRO A 332 -8.67 -14.25 -13.38
N HIS A 333 -7.48 -14.65 -12.91
CA HIS A 333 -6.67 -15.71 -13.57
C HIS A 333 -5.78 -16.43 -12.54
N GLN A 334 -5.48 -17.69 -12.84
CA GLN A 334 -4.58 -18.57 -12.08
C GLN A 334 -3.69 -19.38 -13.06
N VAL A 335 -2.55 -19.87 -12.57
CA VAL A 335 -1.48 -20.48 -13.40
C VAL A 335 -0.97 -21.72 -12.66
N HIS A 336 -0.87 -22.84 -13.38
CA HIS A 336 -0.43 -24.19 -12.88
C HIS A 336 0.68 -24.69 -13.81
N ASN A 337 1.94 -24.71 -13.36
CA ASN A 337 3.06 -25.14 -14.23
C ASN A 337 3.03 -26.66 -14.38
N LEU A 338 3.06 -27.13 -15.63
CA LEU A 338 3.08 -28.58 -15.99
C LEU A 338 4.53 -29.05 -15.94
N TYR A 339 5.45 -28.23 -16.43
CA TYR A 339 6.91 -28.46 -16.34
C TYR A 339 7.59 -27.21 -15.75
N SER A 340 8.91 -27.24 -15.54
CA SER A 340 9.66 -26.03 -15.11
C SER A 340 9.59 -24.95 -16.20
N CYS A 341 9.18 -23.73 -15.83
CA CYS A 341 8.93 -22.60 -16.75
C CYS A 341 9.71 -21.34 -16.40
N ILE A 342 10.15 -20.65 -17.44
CA ILE A 342 10.62 -19.25 -17.40
C ILE A 342 9.61 -18.44 -18.21
N LYS A 343 8.95 -17.50 -17.55
CA LYS A 343 7.96 -16.59 -18.18
C LYS A 343 8.45 -15.14 -17.97
N VAL A 344 8.26 -14.28 -18.97
CA VAL A 344 8.51 -12.83 -18.85
C VAL A 344 7.23 -12.08 -19.27
N ALA A 345 6.76 -11.21 -18.40
CA ALA A 345 5.48 -10.48 -18.60
C ALA A 345 5.71 -8.98 -18.57
N GLU A 346 4.98 -8.23 -19.40
CA GLU A 346 4.99 -6.75 -19.44
C GLU A 346 3.55 -6.25 -19.25
N ASP A 347 3.35 -5.28 -18.35
CA ASP A 347 2.05 -4.61 -18.17
C ASP A 347 1.88 -3.49 -19.20
N PHE A 348 0.64 -3.17 -19.58
CA PHE A 348 0.30 -2.05 -20.53
C PHE A 348 -1.13 -1.61 -20.26
N VAL A 349 -1.52 -0.43 -20.79
CA VAL A 349 -2.86 0.15 -20.55
C VAL A 349 -3.52 0.43 -21.90
N SER A 350 -4.33 -0.49 -22.39
CA SER A 350 -5.05 -0.32 -23.67
C SER A 350 -6.23 0.62 -23.43
N PRO A 351 -6.65 1.38 -24.46
CA PRO A 351 -7.80 2.25 -24.30
C PRO A 351 -9.08 1.43 -24.08
N GLU A 352 -9.13 0.20 -24.61
CA GLU A 352 -10.28 -0.70 -24.49
C GLU A 352 -10.58 -0.96 -23.01
N HIS A 353 -9.58 -1.03 -22.14
CA HIS A 353 -9.80 -1.51 -20.74
C HIS A 353 -9.33 -0.48 -19.68
N VAL A 354 -9.03 0.76 -20.07
CA VAL A 354 -8.50 1.79 -19.12
C VAL A 354 -9.49 2.01 -17.94
N LYS A 355 -10.79 1.79 -18.13
CA LYS A 355 -11.78 1.92 -17.02
C LYS A 355 -11.37 1.12 -15.79
N HIS A 356 -10.71 -0.04 -15.94
CA HIS A 356 -10.39 -0.91 -14.79
C HIS A 356 -9.33 -0.29 -13.86
N CYS A 357 -8.59 0.74 -14.28
CA CYS A 357 -7.55 1.38 -13.41
C CYS A 357 -7.94 2.78 -12.91
N PHE A 358 -9.15 3.27 -13.21
CA PHE A 358 -9.64 4.60 -12.75
C PHE A 358 -9.90 4.56 -11.22
N ARG A 359 -9.53 5.61 -10.49
CA ARG A 359 -9.61 5.62 -9.00
C ARG A 359 -10.96 6.12 -8.45
N LEU A 360 -11.94 6.49 -9.27
CA LEU A 360 -13.26 6.93 -8.76
C LEU A 360 -14.40 6.03 -9.27
N THR A 361 -15.56 6.12 -8.61
CA THR A 361 -16.89 5.57 -9.00
C THR A 361 -16.77 4.08 -9.32
N MET B 23 -9.07 29.87 41.55
CA MET B 23 -10.49 29.67 41.09
C MET B 23 -10.52 29.46 39.56
N THR B 24 -9.36 29.51 38.88
CA THR B 24 -9.18 29.06 37.48
C THR B 24 -9.88 27.70 37.31
N SER B 25 -10.86 27.63 36.42
CA SER B 25 -11.57 26.38 36.08
C SER B 25 -10.59 25.41 35.42
N HIS B 26 -10.34 24.29 36.06
CA HIS B 26 -9.41 23.25 35.56
C HIS B 26 -9.78 21.88 36.11
N SER B 27 -9.20 20.84 35.51
CA SER B 27 -9.23 19.46 36.04
C SER B 27 -7.96 18.75 35.60
N TRP B 28 -7.78 17.52 36.07
CA TRP B 28 -6.56 16.72 35.86
C TRP B 28 -6.97 15.43 35.15
N LEU B 29 -6.36 15.12 34.00
CA LEU B 29 -6.60 13.85 33.25
C LEU B 29 -5.34 12.99 33.29
N CYS B 30 -5.33 11.86 32.57
CA CYS B 30 -4.19 10.89 32.61
C CYS B 30 -3.77 10.62 34.08
N ASP B 31 -4.75 10.31 34.94
CA ASP B 31 -4.54 9.93 36.37
C ASP B 31 -3.69 11.01 37.07
N GLY B 32 -4.11 12.28 36.96
CA GLY B 32 -3.47 13.44 37.63
C GLY B 32 -2.30 14.07 36.89
N ARG B 33 -1.81 13.49 35.78
CA ARG B 33 -0.52 13.90 35.13
C ARG B 33 -0.75 14.89 33.96
N LEU B 34 -2.00 15.23 33.62
CA LEU B 34 -2.30 16.19 32.51
C LEU B 34 -3.22 17.31 32.98
N LEU B 35 -2.73 18.56 32.97
CA LEU B 35 -3.56 19.75 33.23
C LEU B 35 -4.50 19.98 32.04
N CYS B 36 -5.79 20.18 32.34
CA CYS B 36 -6.82 20.65 31.38
C CYS B 36 -7.44 21.94 31.91
N LEU B 37 -7.28 23.04 31.16
CA LEU B 37 -7.89 24.37 31.48
C LEU B 37 -9.16 24.47 30.64
N HIS B 38 -10.28 24.87 31.25
CA HIS B 38 -11.65 24.73 30.66
C HIS B 38 -12.09 26.02 29.96
N ASP B 39 -11.66 27.19 30.45
CA ASP B 39 -12.03 28.51 29.86
C ASP B 39 -10.83 29.06 29.09
N PRO B 40 -10.88 29.12 27.74
CA PRO B 40 -9.73 29.54 26.94
C PRO B 40 -9.31 31.02 27.11
N SER B 41 -10.25 31.90 27.49
CA SER B 41 -10.00 33.37 27.66
C SER B 41 -9.70 33.78 29.12
N ASN B 42 -9.54 32.84 30.07
CA ASN B 42 -9.27 33.24 31.49
C ASN B 42 -7.86 33.80 31.61
N LYS B 43 -7.74 35.08 32.01
CA LYS B 43 -6.44 35.81 32.13
C LYS B 43 -5.51 35.15 33.18
N ASN B 44 -6.01 34.34 34.09
CA ASN B 44 -5.20 33.64 35.14
C ASN B 44 -4.69 32.25 34.70
N ASN B 45 -4.93 31.80 33.45
CA ASN B 45 -4.55 30.43 32.97
C ASN B 45 -3.06 30.17 33.24
N TRP B 46 -2.20 31.19 33.10
CA TRP B 46 -0.73 31.07 33.18
C TRP B 46 -0.25 30.53 34.56
N LYS B 47 -1.02 30.74 35.63
CA LYS B 47 -0.58 30.47 37.04
C LYS B 47 -0.30 28.97 37.26
N ILE B 48 -1.27 28.11 36.95
CA ILE B 48 -1.13 26.63 37.08
C ILE B 48 -0.35 26.05 35.86
N PHE B 49 -0.49 26.66 34.70
CA PHE B 49 0.26 26.26 33.46
C PHE B 49 1.77 26.22 33.70
N ARG B 50 2.33 27.26 34.35
CA ARG B 50 3.80 27.49 34.45
C ARG B 50 4.53 26.25 34.98
N GLU B 51 4.13 25.68 36.13
CA GLU B 51 4.86 24.55 36.73
C GLU B 51 4.70 23.30 35.85
N CYS B 52 3.52 23.02 35.26
CA CYS B 52 3.37 21.87 34.33
C CYS B 52 4.38 22.01 33.16
N TRP B 53 4.47 23.21 32.58
CA TRP B 53 5.32 23.52 31.40
C TRP B 53 6.80 23.45 31.80
N LYS B 54 7.16 23.93 33.01
CA LYS B 54 8.54 23.79 33.51
C LYS B 54 8.92 22.30 33.65
N GLN B 55 8.01 21.44 34.09
CA GLN B 55 8.30 20.00 34.27
C GLN B 55 8.32 19.26 32.92
N GLY B 56 8.05 19.94 31.79
CA GLY B 56 8.13 19.31 30.46
C GLY B 56 6.85 18.56 30.08
N GLN B 57 5.71 18.89 30.69
CA GLN B 57 4.44 18.18 30.41
C GLN B 57 3.71 18.90 29.28
N PRO B 58 2.98 18.17 28.42
CA PRO B 58 1.94 18.81 27.60
C PRO B 58 0.79 19.31 28.48
N VAL B 59 0.02 20.26 27.97
CA VAL B 59 -1.19 20.82 28.60
C VAL B 59 -2.33 20.84 27.58
N LEU B 60 -3.58 20.61 28.03
CA LEU B 60 -4.77 20.76 27.16
C LEU B 60 -5.61 21.96 27.58
N VAL B 61 -6.17 22.70 26.62
CA VAL B 61 -7.13 23.82 26.88
C VAL B 61 -8.37 23.53 26.04
N SER B 62 -9.56 23.43 26.64
CA SER B 62 -10.79 23.04 25.92
C SER B 62 -11.61 24.28 25.61
N GLY B 63 -12.54 24.19 24.66
CA GLY B 63 -13.57 25.23 24.40
C GLY B 63 -13.17 26.28 23.38
N VAL B 64 -12.04 26.12 22.65
CA VAL B 64 -11.60 27.17 21.68
C VAL B 64 -12.61 27.32 20.51
N HIS B 65 -13.29 26.27 20.10
CA HIS B 65 -14.28 26.31 18.97
C HIS B 65 -15.42 27.29 19.27
N LYS B 66 -15.73 27.48 20.56
CA LYS B 66 -16.80 28.43 20.96
C LYS B 66 -16.35 29.86 20.76
N LYS B 67 -15.05 30.12 20.58
CA LYS B 67 -14.51 31.48 20.36
C LYS B 67 -14.36 31.82 18.88
N LEU B 68 -14.46 30.85 17.96
CA LEU B 68 -14.22 31.04 16.51
C LEU B 68 -15.55 31.28 15.79
N LYS B 69 -15.48 31.76 14.55
CA LYS B 69 -16.63 31.76 13.60
C LYS B 69 -16.72 30.41 12.87
N SER B 70 -17.64 29.53 13.28
CA SER B 70 -17.69 28.11 12.84
C SER B 70 -17.83 27.99 11.31
N GLU B 71 -18.47 28.97 10.64
CA GLU B 71 -18.75 28.94 9.18
C GLU B 71 -17.44 29.05 8.40
N LEU B 72 -16.34 29.55 9.01
CA LEU B 72 -15.01 29.70 8.36
C LEU B 72 -14.25 28.36 8.34
N TRP B 73 -14.66 27.35 9.10
CA TRP B 73 -13.86 26.14 9.38
C TRP B 73 -14.58 24.88 8.89
N LYS B 74 -15.46 25.01 7.89
CA LYS B 74 -16.28 23.88 7.36
C LYS B 74 -15.63 23.32 6.10
N PRO B 75 -15.57 21.99 5.91
CA PRO B 75 -14.98 21.44 4.69
C PRO B 75 -15.61 21.99 3.39
N GLU B 76 -16.93 22.18 3.37
CA GLU B 76 -17.70 22.69 2.19
C GLU B 76 -17.17 24.06 1.76
N ALA B 77 -16.81 24.94 2.71
CA ALA B 77 -16.34 26.32 2.41
C ALA B 77 -14.92 26.26 1.82
N PHE B 78 -14.04 25.41 2.33
CA PHE B 78 -12.68 25.25 1.76
C PHE B 78 -12.80 24.76 0.30
N SER B 79 -13.69 23.82 0.04
CA SER B 79 -13.92 23.25 -1.31
C SER B 79 -14.43 24.33 -2.27
N GLN B 80 -15.43 25.11 -1.88
CA GLN B 80 -16.03 26.14 -2.77
C GLN B 80 -15.02 27.25 -3.00
N GLU B 81 -14.24 27.62 -1.99
CA GLU B 81 -13.33 28.79 -2.10
C GLU B 81 -12.02 28.40 -2.79
N PHE B 82 -11.50 27.18 -2.63
CA PHE B 82 -10.09 26.87 -3.02
C PHE B 82 -10.02 25.58 -3.85
N GLY B 83 -11.16 25.00 -4.19
CA GLY B 83 -11.30 23.63 -4.73
C GLY B 83 -10.63 23.41 -6.09
N ASP B 84 -10.31 24.46 -6.86
CA ASP B 84 -9.74 24.26 -8.23
C ASP B 84 -8.22 24.36 -8.16
N GLN B 85 -7.62 24.45 -6.97
CA GLN B 85 -6.15 24.41 -6.80
C GLN B 85 -5.65 22.95 -6.98
N ASP B 86 -4.44 22.80 -7.50
CA ASP B 86 -3.74 21.51 -7.71
C ASP B 86 -2.91 21.21 -6.48
N VAL B 87 -2.85 19.95 -6.09
CA VAL B 87 -2.25 19.54 -4.80
C VAL B 87 -1.80 18.07 -4.86
N ASP B 88 -0.89 17.69 -3.95
CA ASP B 88 -0.54 16.26 -3.68
C ASP B 88 -1.26 15.79 -2.42
N LEU B 89 -1.69 14.53 -2.45
CA LEU B 89 -2.22 13.79 -1.28
C LEU B 89 -1.25 12.66 -0.93
N VAL B 90 -1.29 12.22 0.32
CA VAL B 90 -0.56 11.02 0.83
C VAL B 90 -1.59 9.97 1.28
N ASN B 91 -1.37 8.74 0.86
CA ASN B 91 -2.14 7.56 1.30
C ASN B 91 -1.55 7.14 2.65
N CYS B 92 -2.31 7.29 3.74
CA CYS B 92 -1.80 7.08 5.13
C CYS B 92 -1.39 5.62 5.35
N ARG B 93 -2.01 4.67 4.64
CA ARG B 93 -1.74 3.21 4.78
C ARG B 93 -0.34 2.84 4.24
N ASN B 94 0.13 3.40 3.12
CA ASN B 94 1.39 2.94 2.47
C ASN B 94 2.37 4.09 2.22
N CYS B 95 2.05 5.32 2.66
CA CYS B 95 2.87 6.54 2.44
C CYS B 95 3.03 6.92 0.96
N ALA B 96 2.27 6.32 0.04
CA ALA B 96 2.36 6.68 -1.41
C ALA B 96 1.87 8.11 -1.66
N ILE B 97 2.53 8.87 -2.55
CA ILE B 97 2.07 10.22 -2.97
C ILE B 97 1.13 10.09 -4.17
N ILE B 98 -0.07 10.67 -4.07
CA ILE B 98 -1.00 10.84 -5.22
C ILE B 98 -0.79 12.28 -5.74
N SER B 99 -0.02 12.46 -6.82
CA SER B 99 0.46 13.80 -7.27
C SER B 99 -0.55 14.51 -8.19
N ASP B 100 -0.71 15.81 -7.96
CA ASP B 100 -1.34 16.77 -8.91
C ASP B 100 -2.80 16.39 -9.17
N VAL B 101 -3.60 16.30 -8.11
CA VAL B 101 -5.07 16.21 -8.18
C VAL B 101 -5.67 17.55 -7.69
N LYS B 102 -7.00 17.69 -7.68
CA LYS B 102 -7.68 18.95 -7.29
C LYS B 102 -7.98 18.94 -5.77
N VAL B 103 -7.77 20.06 -5.09
CA VAL B 103 -8.17 20.29 -3.67
C VAL B 103 -9.63 19.82 -3.47
N ARG B 104 -10.54 20.03 -4.43
CA ARG B 104 -11.96 19.59 -4.26
C ARG B 104 -12.09 18.05 -4.21
N ASP B 105 -11.15 17.29 -4.81
CA ASP B 105 -11.24 15.80 -4.76
C ASP B 105 -10.93 15.32 -3.33
N PHE B 106 -10.11 16.04 -2.56
CA PHE B 106 -9.89 15.71 -1.12
C PHE B 106 -11.16 16.07 -0.34
N TRP B 107 -11.64 17.31 -0.42
CA TRP B 107 -12.74 17.81 0.47
C TRP B 107 -14.04 17.07 0.16
N ASP B 108 -14.28 16.65 -1.08
CA ASP B 108 -15.63 16.11 -1.41
C ASP B 108 -15.77 14.69 -0.85
N GLY B 109 -14.67 14.01 -0.49
CA GLY B 109 -14.67 12.71 0.23
C GLY B 109 -14.42 12.83 1.74
N PHE B 110 -14.34 14.05 2.30
CA PHE B 110 -13.96 14.23 3.74
C PHE B 110 -14.91 13.45 4.66
N GLU B 111 -16.22 13.47 4.36
CA GLU B 111 -17.22 12.75 5.20
C GLU B 111 -18.10 11.78 4.40
N ILE B 112 -17.99 11.71 3.06
CA ILE B 112 -18.69 10.70 2.19
C ILE B 112 -17.68 9.70 1.65
N ILE B 113 -17.65 8.50 2.19
CA ILE B 113 -16.58 7.49 1.92
C ILE B 113 -16.64 7.00 0.47
N CYS B 114 -17.83 6.90 -0.15
CA CYS B 114 -18.00 6.37 -1.54
C CYS B 114 -17.46 7.40 -2.55
N LYS B 115 -17.29 8.67 -2.15
CA LYS B 115 -16.72 9.74 -3.02
C LYS B 115 -15.18 9.78 -2.97
N ARG B 116 -14.53 8.95 -2.16
CA ARG B 116 -13.05 9.00 -2.00
C ARG B 116 -12.33 8.38 -3.21
N LEU B 117 -11.12 8.88 -3.55
CA LEU B 117 -10.18 8.20 -4.45
C LEU B 117 -9.86 6.81 -3.87
N ARG B 118 -9.75 5.80 -4.74
CA ARG B 118 -9.48 4.38 -4.39
C ARG B 118 -8.06 3.94 -4.68
N SER B 119 -7.60 2.90 -3.95
CA SER B 119 -6.29 2.25 -4.14
C SER B 119 -6.45 1.07 -5.16
N GLU B 120 -5.33 0.48 -5.57
CA GLU B 120 -5.22 -0.65 -6.54
C GLU B 120 -6.26 -1.72 -6.19
N ASP B 121 -6.50 -1.93 -4.89
CA ASP B 121 -7.32 -3.03 -4.34
C ASP B 121 -8.81 -2.67 -4.40
N GLY B 122 -9.19 -1.53 -4.99
CA GLY B 122 -10.61 -1.11 -5.04
C GLY B 122 -11.15 -0.50 -3.75
N GLN B 123 -10.32 -0.36 -2.69
CA GLN B 123 -10.79 0.21 -1.40
C GLN B 123 -10.67 1.73 -1.42
N PRO B 124 -11.62 2.45 -0.79
CA PRO B 124 -11.49 3.89 -0.53
C PRO B 124 -10.24 4.20 0.31
N MET B 125 -9.45 5.21 -0.10
CA MET B 125 -8.19 5.52 0.60
C MET B 125 -8.46 6.41 1.84
N VAL B 126 -7.62 6.24 2.84
CA VAL B 126 -7.47 7.21 3.96
C VAL B 126 -6.35 8.17 3.55
N LEU B 127 -6.70 9.42 3.27
CA LEU B 127 -5.80 10.41 2.65
C LEU B 127 -5.51 11.59 3.60
N LYS B 128 -4.30 12.12 3.50
CA LYS B 128 -3.95 13.46 4.06
C LYS B 128 -3.58 14.44 2.95
N LEU B 129 -4.00 15.68 3.12
CA LEU B 129 -3.70 16.78 2.19
C LEU B 129 -2.29 17.28 2.53
N LYS B 130 -1.34 17.14 1.61
CA LYS B 130 0.09 17.47 1.85
C LYS B 130 0.33 18.98 1.60
N ASP B 131 0.97 19.64 2.58
CA ASP B 131 1.57 21.00 2.43
C ASP B 131 0.54 22.00 1.91
N TRP B 132 -0.60 22.15 2.60
CA TRP B 132 -1.68 23.05 2.12
C TRP B 132 -2.29 23.83 3.27
N PRO B 133 -2.47 25.17 3.17
CA PRO B 133 -1.85 25.99 2.15
C PRO B 133 -0.34 25.78 2.16
N PRO B 134 0.34 25.92 1.00
CA PRO B 134 1.75 25.61 0.88
C PRO B 134 2.68 26.58 1.62
N GLY B 135 3.78 26.03 2.16
CA GLY B 135 4.80 26.81 2.88
C GLY B 135 4.15 27.73 3.88
N GLU B 136 4.26 29.04 3.66
CA GLU B 136 3.88 30.12 4.61
C GLU B 136 2.69 30.90 4.04
N ASP B 137 1.99 30.34 3.06
CA ASP B 137 0.89 31.04 2.34
C ASP B 137 -0.37 31.20 3.22
N PHE B 138 -0.49 30.53 4.37
CA PHE B 138 -1.77 30.53 5.15
C PHE B 138 -2.26 31.98 5.32
N ARG B 139 -1.40 32.91 5.78
CA ARG B 139 -1.78 34.33 6.01
C ARG B 139 -2.29 34.97 4.72
N ASP B 140 -1.54 34.85 3.62
CA ASP B 140 -1.87 35.48 2.31
C ASP B 140 -3.12 34.85 1.71
N MET B 141 -3.24 33.50 1.72
CA MET B 141 -4.33 32.77 1.05
C MET B 141 -5.62 32.86 1.86
N MET B 142 -5.54 32.91 3.20
CA MET B 142 -6.75 32.77 4.06
C MET B 142 -6.76 33.86 5.14
N PRO B 143 -6.73 35.16 4.78
CA PRO B 143 -6.57 36.22 5.79
C PRO B 143 -7.62 36.26 6.92
N THR B 144 -8.88 35.95 6.60
CA THR B 144 -9.98 36.01 7.59
C THR B 144 -9.87 34.84 8.58
N ARG B 145 -9.53 33.62 8.14
CA ARG B 145 -9.23 32.46 9.03
C ARG B 145 -8.00 32.75 9.92
N PHE B 146 -6.95 33.37 9.39
CA PHE B 146 -5.74 33.75 10.16
C PHE B 146 -6.17 34.66 11.33
N GLU B 147 -6.94 35.69 11.02
CA GLU B 147 -7.38 36.69 12.05
C GLU B 147 -8.24 35.95 13.11
N ASP B 148 -9.20 35.13 12.68
CA ASP B 148 -10.09 34.35 13.59
C ASP B 148 -9.25 33.46 14.53
N LEU B 149 -8.28 32.72 14.00
CA LEU B 149 -7.42 31.85 14.85
C LEU B 149 -6.55 32.65 15.83
N MET B 150 -5.76 33.62 15.38
CA MET B 150 -4.72 34.29 16.21
C MET B 150 -5.39 35.07 17.34
N GLU B 151 -6.53 35.73 17.06
CA GLU B 151 -7.26 36.56 18.06
C GLU B 151 -7.78 35.64 19.18
N ASN B 152 -7.85 34.33 18.95
CA ASN B 152 -8.57 33.45 19.89
C ASN B 152 -7.68 32.31 20.44
N LEU B 153 -6.39 32.34 20.14
CA LEU B 153 -5.43 31.31 20.66
C LEU B 153 -5.34 31.48 22.17
N PRO B 154 -5.39 30.38 22.93
CA PRO B 154 -5.18 30.43 24.37
C PRO B 154 -3.73 30.74 24.75
N LEU B 155 -3.51 31.11 26.01
CA LEU B 155 -2.19 31.53 26.56
C LEU B 155 -1.50 32.49 25.59
N PRO B 156 -2.19 33.61 25.26
CA PRO B 156 -1.74 34.50 24.19
C PRO B 156 -0.38 35.17 24.49
N GLU B 157 -0.02 35.39 25.76
CA GLU B 157 1.30 35.98 26.12
C GLU B 157 2.40 35.03 25.62
N TYR B 158 2.10 33.73 25.53
CA TYR B 158 3.01 32.66 25.05
C TYR B 158 2.90 32.44 23.53
N THR B 159 1.71 32.48 22.96
CA THR B 159 1.44 31.92 21.59
C THR B 159 1.37 32.99 20.49
N LYS B 160 1.01 34.23 20.79
CA LYS B 160 0.92 35.32 19.75
C LYS B 160 2.32 35.90 19.47
N ARG B 161 2.54 36.42 18.25
N ARG B 161 2.51 36.43 18.26
CA ARG B 161 3.89 36.93 17.83
CA ARG B 161 3.80 36.97 17.75
C ARG B 161 4.35 38.03 18.80
C ARG B 161 4.33 38.05 18.70
N ASP B 162 3.46 38.95 19.16
CA ASP B 162 3.82 40.09 20.04
C ASP B 162 3.51 39.76 21.49
N GLY B 163 3.28 38.48 21.82
CA GLY B 163 3.12 38.02 23.22
C GLY B 163 4.29 38.45 24.11
N ARG B 164 4.00 38.84 25.36
CA ARG B 164 5.05 39.29 26.33
C ARG B 164 6.11 38.21 26.52
N LEU B 165 5.73 36.92 26.52
CA LEU B 165 6.65 35.82 26.87
C LEU B 165 6.92 34.96 25.63
N ASN B 166 6.56 35.39 24.42
CA ASN B 166 6.96 34.69 23.16
C ASN B 166 8.28 35.31 22.71
N LEU B 167 9.34 34.49 22.64
CA LEU B 167 10.71 34.95 22.27
C LEU B 167 11.00 34.76 20.77
N ALA B 168 10.08 34.18 20.00
CA ALA B 168 10.36 33.74 18.60
C ALA B 168 10.79 34.93 17.74
N SER B 169 10.18 36.11 17.88
CA SER B 169 10.50 37.25 16.98
C SER B 169 11.78 37.96 17.40
N ARG B 170 12.31 37.71 18.61
CA ARG B 170 13.46 38.45 19.17
C ARG B 170 14.76 37.67 19.06
N LEU B 171 14.76 36.33 19.01
CA LEU B 171 16.00 35.52 19.09
C LEU B 171 16.63 35.30 17.73
N PRO B 172 17.99 35.19 17.71
CA PRO B 172 18.70 34.80 16.50
C PRO B 172 18.37 33.40 15.95
N SER B 173 18.76 33.15 14.69
CA SER B 173 18.44 31.93 13.91
C SER B 173 19.00 30.67 14.56
N TYR B 174 20.00 30.73 15.45
CA TYR B 174 20.55 29.53 16.14
C TYR B 174 19.60 29.05 17.27
N PHE B 175 18.50 29.76 17.55
CA PHE B 175 17.45 29.34 18.50
C PHE B 175 16.16 28.97 17.74
N VAL B 176 15.86 29.62 16.61
CA VAL B 176 14.50 29.51 16.01
C VAL B 176 14.51 29.99 14.56
N ARG B 177 13.70 29.35 13.73
CA ARG B 177 13.51 29.74 12.31
C ARG B 177 12.79 31.09 12.28
N PRO B 178 13.10 32.00 11.33
CA PRO B 178 12.47 33.31 11.30
C PRO B 178 11.05 33.28 10.72
N ASP B 179 10.22 34.27 11.11
CA ASP B 179 8.87 34.53 10.53
C ASP B 179 7.99 33.25 10.61
N LEU B 180 7.72 32.77 11.82
CA LEU B 180 6.79 31.65 12.12
C LEU B 180 5.36 32.05 11.73
N GLY B 181 4.64 31.14 11.07
CA GLY B 181 3.22 31.31 10.68
C GLY B 181 2.44 30.02 10.94
N PRO B 182 1.09 30.05 11.05
CA PRO B 182 0.32 28.84 11.31
C PRO B 182 0.35 27.88 10.12
N LYS B 183 0.17 26.60 10.43
CA LYS B 183 0.16 25.46 9.49
C LYS B 183 -1.15 24.70 9.72
N MET B 184 -1.79 24.31 8.65
CA MET B 184 -3.12 23.60 8.64
C MET B 184 -2.87 22.12 8.39
N TYR B 185 -3.53 21.21 9.13
CA TYR B 185 -3.36 19.75 8.97
C TYR B 185 -4.72 19.09 8.77
N ASN B 186 -4.94 18.54 7.58
CA ASN B 186 -6.22 18.04 7.05
C ASN B 186 -6.06 16.57 6.63
N ALA B 187 -6.77 15.63 7.26
CA ALA B 187 -6.67 14.20 6.89
C ALA B 187 -7.94 13.47 7.30
N TYR B 188 -8.26 12.40 6.57
CA TYR B 188 -9.43 11.51 6.84
C TYR B 188 -9.14 10.74 8.14
N GLY B 189 -10.21 10.21 8.74
CA GLY B 189 -10.11 9.27 9.86
C GLY B 189 -9.70 7.87 9.43
N LEU B 190 -8.85 7.23 10.21
CA LEU B 190 -8.50 5.78 10.08
C LEU B 190 -9.71 4.92 10.46
N ILE B 191 -9.88 3.71 9.86
CA ILE B 191 -11.20 2.99 9.73
C ILE B 191 -11.13 1.53 10.20
N THR B 192 -10.19 0.74 9.69
CA THR B 192 -10.15 -0.74 9.87
C THR B 192 -9.41 -1.13 11.14
N ALA B 193 -9.49 -2.42 11.47
CA ALA B 193 -8.76 -3.04 12.59
C ALA B 193 -7.26 -2.99 12.26
N GLU B 194 -6.87 -3.19 11.00
CA GLU B 194 -5.44 -3.08 10.60
C GLU B 194 -4.98 -1.61 10.69
N ASP B 195 -5.90 -0.66 10.53
CA ASP B 195 -5.63 0.80 10.61
C ASP B 195 -5.20 1.21 12.05
N ARG B 196 -5.51 0.41 13.07
CA ARG B 196 -5.15 0.73 14.48
C ARG B 196 -3.62 0.84 14.62
N ARG B 197 -2.83 0.20 13.75
CA ARG B 197 -1.35 0.16 13.84
C ARG B 197 -0.72 1.24 12.93
N VAL B 198 -1.54 2.13 12.36
CA VAL B 198 -1.09 3.17 11.40
C VAL B 198 -1.22 4.54 12.08
N GLY B 199 -0.29 5.46 11.81
CA GLY B 199 -0.40 6.89 12.20
C GLY B 199 -0.96 7.76 11.08
N THR B 200 -1.74 8.79 11.41
CA THR B 200 -1.93 9.98 10.54
C THR B 200 -0.57 10.72 10.42
N THR B 201 0.10 10.96 11.54
CA THR B 201 1.47 11.56 11.60
C THR B 201 2.35 10.64 12.44
N ASN B 202 3.44 10.13 11.86
CA ASN B 202 4.32 9.16 12.53
C ASN B 202 5.07 9.88 13.64
N LEU B 203 5.59 9.09 14.58
CA LEU B 203 6.42 9.53 15.73
C LEU B 203 7.55 10.42 15.22
N HIS B 204 7.66 11.64 15.79
CA HIS B 204 8.69 12.66 15.43
C HIS B 204 8.84 13.66 16.60
N LEU B 205 9.82 14.56 16.52
CA LEU B 205 9.85 15.75 17.42
C LEU B 205 10.01 17.04 16.59
N ASP B 206 9.65 18.16 17.21
CA ASP B 206 9.77 19.51 16.60
C ASP B 206 10.79 20.32 17.43
N VAL B 207 11.46 21.30 16.79
CA VAL B 207 12.62 22.04 17.39
C VAL B 207 12.13 23.27 18.19
N SER B 208 10.84 23.60 18.11
CA SER B 208 10.22 24.72 18.87
C SER B 208 9.04 24.21 19.68
N ASP B 209 8.52 25.01 20.62
CA ASP B 209 7.21 24.76 21.26
C ASP B 209 6.12 24.91 20.19
N ALA B 210 4.92 24.35 20.42
CA ALA B 210 3.77 24.50 19.51
C ALA B 210 2.45 24.33 20.26
N VAL B 211 1.40 24.89 19.70
CA VAL B 211 -0.01 24.65 20.12
C VAL B 211 -0.78 24.15 18.88
N ASN B 212 -1.51 23.06 19.02
CA ASN B 212 -2.36 22.45 17.94
C ASN B 212 -3.83 22.55 18.31
N VAL B 213 -4.62 23.27 17.52
CA VAL B 213 -6.09 23.45 17.76
C VAL B 213 -6.93 22.61 16.78
N MET B 214 -7.85 21.83 17.32
CA MET B 214 -8.86 21.05 16.55
C MET B 214 -10.02 21.99 16.21
N VAL B 215 -10.16 22.38 14.93
CA VAL B 215 -11.19 23.40 14.56
C VAL B 215 -12.41 22.75 13.90
N TYR B 216 -12.35 21.49 13.47
CA TYR B 216 -13.49 20.77 12.85
C TYR B 216 -13.27 19.26 12.94
N VAL B 217 -14.35 18.52 13.26
CA VAL B 217 -14.34 17.03 13.32
C VAL B 217 -15.52 16.52 12.49
N GLY B 218 -15.22 15.69 11.49
CA GLY B 218 -16.22 15.21 10.52
C GLY B 218 -16.52 13.75 10.73
N ILE B 219 -17.75 13.45 11.14
CA ILE B 219 -18.20 12.05 11.43
C ILE B 219 -19.09 11.55 10.29
N PRO B 220 -18.64 10.59 9.44
CA PRO B 220 -19.50 9.97 8.43
C PRO B 220 -20.63 9.15 9.09
N ILE B 221 -21.82 9.05 8.47
CA ILE B 221 -22.94 8.18 8.98
C ILE B 221 -22.76 6.75 8.43
N ALA B 225 -23.28 3.97 11.79
CA ALA B 225 -22.49 4.32 13.00
C ALA B 225 -21.49 3.21 13.31
N HIS B 226 -20.26 3.33 12.81
CA HIS B 226 -19.12 2.40 13.08
C HIS B 226 -18.26 3.00 14.22
N ASP B 227 -18.92 3.54 15.25
CA ASP B 227 -18.30 3.95 16.54
C ASP B 227 -17.61 2.74 17.20
N GLU B 228 -17.80 1.54 16.65
CA GLU B 228 -17.35 0.23 17.22
C GLU B 228 -15.83 0.20 17.30
N GLU B 229 -15.17 0.34 16.14
CA GLU B 229 -13.68 0.28 16.02
C GLU B 229 -13.06 1.49 16.74
N VAL B 230 -13.73 2.63 16.72
CA VAL B 230 -13.24 3.92 17.28
C VAL B 230 -13.14 3.79 18.81
N LEU B 231 -14.22 3.38 19.48
CA LEU B 231 -14.24 3.19 20.96
C LEU B 231 -13.19 2.13 21.35
N LYS B 232 -12.94 1.14 20.50
CA LYS B 232 -11.92 0.09 20.74
C LYS B 232 -10.52 0.70 20.57
N THR B 233 -10.31 1.55 19.55
CA THR B 233 -8.98 2.21 19.36
C THR B 233 -8.69 3.11 20.58
N ILE B 234 -9.70 3.81 21.07
CA ILE B 234 -9.58 4.66 22.29
C ILE B 234 -9.12 3.81 23.47
N ASP B 235 -9.72 2.63 23.67
CA ASP B 235 -9.44 1.79 24.88
C ASP B 235 -8.04 1.17 24.76
N GLU B 236 -7.74 0.54 23.64
CA GLU B 236 -6.42 -0.06 23.32
C GLU B 236 -5.36 1.06 23.35
N GLY B 237 -5.77 2.29 23.03
CA GLY B 237 -4.90 3.49 23.02
C GLY B 237 -4.49 3.90 24.42
N ASP B 238 -5.21 3.44 25.45
CA ASP B 238 -4.86 3.62 26.89
C ASP B 238 -5.38 4.98 27.37
N ALA B 239 -6.47 5.49 26.78
CA ALA B 239 -7.22 6.68 27.27
C ALA B 239 -7.83 6.37 28.65
N ASP B 240 -8.01 7.41 29.49
CA ASP B 240 -8.56 7.26 30.86
C ASP B 240 -10.09 7.37 30.83
N GLU B 241 -10.75 7.19 31.98
CA GLU B 241 -12.23 7.07 32.08
C GLU B 241 -12.89 8.45 31.92
N VAL B 242 -12.20 9.53 32.30
CA VAL B 242 -12.72 10.93 32.17
C VAL B 242 -12.86 11.24 30.67
N THR B 243 -11.80 10.99 29.91
CA THR B 243 -11.78 11.09 28.41
C THR B 243 -12.99 10.34 27.86
N LYS B 244 -13.26 9.14 28.38
CA LYS B 244 -14.36 8.24 27.97
C LYS B 244 -15.70 8.92 28.28
N GLU B 245 -15.81 9.60 29.43
CA GLU B 245 -17.04 10.31 29.87
C GLU B 245 -17.38 11.44 28.89
N ARG B 246 -16.39 12.06 28.24
CA ARG B 246 -16.56 13.26 27.37
C ARG B 246 -17.47 12.92 26.17
N ILE B 247 -17.48 11.67 25.70
CA ILE B 247 -18.38 11.24 24.59
C ILE B 247 -19.72 10.75 25.15
N HIS B 248 -19.70 9.96 26.23
CA HIS B 248 -20.87 9.21 26.76
C HIS B 248 -21.82 10.13 27.56
N ASP B 249 -21.32 10.84 28.58
CA ASP B 249 -22.10 11.80 29.39
C ASP B 249 -22.29 13.09 28.59
N HIS B 250 -21.20 13.82 28.33
CA HIS B 250 -21.17 15.02 27.46
C HIS B 250 -21.10 14.52 26.02
N LYS B 251 -21.81 15.15 25.07
CA LYS B 251 -21.95 14.59 23.70
C LYS B 251 -20.87 15.21 22.80
N GLU B 252 -19.58 15.11 23.18
CA GLU B 252 -18.46 15.79 22.47
C GLU B 252 -17.89 14.88 21.37
N LYS B 253 -17.42 15.49 20.28
CA LYS B 253 -16.87 14.81 19.08
C LYS B 253 -15.37 14.58 19.25
N PRO B 254 -14.91 13.31 19.35
CA PRO B 254 -13.49 13.00 19.48
C PRO B 254 -12.84 13.03 18.09
N GLY B 255 -11.72 13.74 17.93
CA GLY B 255 -11.04 13.92 16.63
C GLY B 255 -9.84 13.03 16.47
N ALA B 256 -8.89 13.04 17.42
CA ALA B 256 -7.62 12.32 17.22
C ALA B 256 -7.04 11.79 18.52
N LEU B 257 -6.36 10.66 18.42
CA LEU B 257 -5.61 10.02 19.54
C LEU B 257 -4.13 10.35 19.37
N TRP B 258 -3.59 11.05 20.36
CA TRP B 258 -2.15 11.39 20.49
C TRP B 258 -1.47 10.50 21.53
N HIS B 259 -0.21 10.13 21.28
CA HIS B 259 0.77 9.73 22.32
C HIS B 259 1.91 10.75 22.32
N ILE B 260 2.18 11.36 23.47
CA ILE B 260 3.27 12.37 23.65
C ILE B 260 4.21 11.81 24.71
N TYR B 261 5.51 11.95 24.51
CA TYR B 261 6.57 11.53 25.48
C TYR B 261 7.38 12.77 25.92
N ALA B 262 7.93 12.74 27.13
CA ALA B 262 8.85 13.76 27.67
C ALA B 262 10.12 13.89 26.79
N ALA B 263 10.57 15.12 26.54
CA ALA B 263 11.82 15.41 25.80
C ALA B 263 13.00 14.62 26.42
N LYS B 264 13.01 14.40 27.73
CA LYS B 264 14.13 13.69 28.41
C LYS B 264 14.12 12.19 28.11
N ASP B 265 13.06 11.64 27.49
CA ASP B 265 12.94 10.18 27.22
C ASP B 265 13.19 9.85 25.74
N ALA B 266 13.61 10.83 24.93
CA ALA B 266 13.77 10.65 23.47
C ALA B 266 14.83 9.56 23.23
N GLU B 267 15.96 9.60 23.92
CA GLU B 267 17.11 8.70 23.60
C GLU B 267 16.75 7.26 24.00
N LYS B 268 15.98 7.05 25.07
CA LYS B 268 15.48 5.70 25.45
C LYS B 268 14.59 5.19 24.31
N ILE B 269 13.76 6.07 23.71
CA ILE B 269 12.87 5.69 22.59
C ILE B 269 13.74 5.32 21.39
N ARG B 270 14.82 6.07 21.13
CA ARG B 270 15.74 5.76 20.00
C ARG B 270 16.38 4.38 20.24
N GLU B 271 16.79 4.06 21.48
CA GLU B 271 17.44 2.75 21.77
C GLU B 271 16.47 1.63 21.36
N LEU B 272 15.20 1.70 21.78
CA LEU B 272 14.18 0.64 21.53
C LEU B 272 14.03 0.45 20.02
N LEU B 273 13.79 1.52 19.28
CA LEU B 273 13.51 1.44 17.82
C LEU B 273 14.77 1.09 17.00
N ARG B 274 15.99 1.39 17.48
CA ARG B 274 17.23 0.82 16.86
C ARG B 274 17.16 -0.72 16.94
N LYS B 275 16.88 -1.27 18.13
CA LYS B 275 16.78 -2.72 18.36
C LYS B 275 15.69 -3.31 17.46
N VAL B 276 14.46 -2.79 17.51
CA VAL B 276 13.29 -3.40 16.81
C VAL B 276 13.51 -3.35 15.29
N GLY B 277 14.15 -2.29 14.79
CA GLY B 277 14.52 -2.17 13.36
C GLY B 277 15.55 -3.21 12.96
N GLU B 278 16.49 -3.53 13.86
CA GLU B 278 17.52 -4.60 13.68
C GLU B 278 16.79 -5.95 13.62
N GLU B 279 15.82 -6.16 14.51
CA GLU B 279 14.99 -7.40 14.60
C GLU B 279 14.13 -7.58 13.33
N GLN B 280 13.81 -6.50 12.61
CA GLN B 280 12.91 -6.54 11.43
C GLN B 280 13.74 -6.55 10.14
N GLY B 281 15.06 -6.61 10.22
CA GLY B 281 15.93 -6.78 9.05
C GLY B 281 16.63 -5.49 8.65
N GLN B 282 16.04 -4.34 8.97
CA GLN B 282 16.68 -3.02 8.68
C GLN B 282 18.18 -3.13 9.00
N GLU B 283 19.02 -2.60 8.11
CA GLU B 283 20.49 -2.44 8.32
C GLU B 283 20.78 -0.94 8.44
N ASN B 284 20.90 -0.45 9.68
CA ASN B 284 21.15 0.98 10.01
C ASN B 284 22.47 1.05 10.78
N PRO B 285 23.25 2.16 10.68
CA PRO B 285 24.39 2.38 11.58
C PRO B 285 23.96 2.53 13.04
N PRO B 286 24.88 2.47 14.02
CA PRO B 286 24.52 2.65 15.43
C PRO B 286 24.19 4.12 15.76
N ASP B 287 24.60 5.04 14.87
CA ASP B 287 24.26 6.49 14.81
C ASP B 287 22.75 6.71 14.66
N HIS B 288 22.10 5.81 13.95
CA HIS B 288 20.80 6.04 13.26
C HIS B 288 19.75 6.62 14.22
N ASP B 289 19.01 7.62 13.76
CA ASP B 289 18.00 8.34 14.58
C ASP B 289 16.61 8.00 14.07
N PRO B 290 15.91 7.00 14.66
CA PRO B 290 14.59 6.61 14.16
C PRO B 290 13.45 7.63 14.39
N ILE B 291 13.64 8.56 15.34
CA ILE B 291 12.68 9.68 15.57
C ILE B 291 12.83 10.65 14.40
N HIS B 292 14.06 11.05 14.06
CA HIS B 292 14.36 11.94 12.92
C HIS B 292 13.81 11.31 11.64
N ASP B 293 13.83 9.98 11.55
CA ASP B 293 13.36 9.25 10.33
C ASP B 293 11.85 9.40 10.11
N GLN B 294 11.03 9.62 11.15
CA GLN B 294 9.56 9.81 11.02
C GLN B 294 8.96 8.60 10.29
N SER B 295 9.46 7.39 10.57
CA SER B 295 9.07 6.13 9.88
C SER B 295 8.32 5.17 10.81
N TRP B 296 8.15 5.48 12.09
CA TRP B 296 7.53 4.59 13.12
C TRP B 296 6.18 5.11 13.64
N TYR B 297 5.23 4.19 13.88
CA TYR B 297 4.05 4.44 14.75
C TYR B 297 4.06 3.41 15.88
N LEU B 298 4.04 3.87 17.13
CA LEU B 298 4.10 2.97 18.31
C LEU B 298 2.69 2.42 18.55
N ASP B 299 2.45 1.18 18.10
CA ASP B 299 1.18 0.43 18.28
C ASP B 299 1.14 -0.08 19.72
N GLN B 300 0.09 -0.81 20.11
CA GLN B 300 -0.02 -1.27 21.52
C GLN B 300 1.18 -2.13 21.89
N THR B 301 1.66 -2.98 20.98
CA THR B 301 2.79 -3.90 21.28
C THR B 301 4.00 -3.05 21.65
N LEU B 302 4.31 -2.04 20.83
CA LEU B 302 5.58 -1.28 20.96
C LEU B 302 5.51 -0.40 22.22
N ARG B 303 4.35 0.21 22.50
CA ARG B 303 4.11 1.03 23.71
C ARG B 303 4.37 0.17 24.97
N LYS B 304 3.81 -1.04 25.03
CA LYS B 304 3.92 -1.90 26.25
C LYS B 304 5.40 -2.24 26.46
N ARG B 305 6.08 -2.66 25.41
CA ARG B 305 7.52 -3.03 25.44
C ARG B 305 8.38 -1.80 25.80
N LEU B 306 7.97 -0.59 25.42
CA LEU B 306 8.70 0.66 25.79
C LEU B 306 8.61 0.83 27.31
N TYR B 307 7.43 0.65 27.89
CA TYR B 307 7.19 0.75 29.36
C TYR B 307 7.99 -0.33 30.11
N GLU B 308 7.75 -1.60 29.73
N GLU B 308 7.79 -1.60 29.73
CA GLU B 308 8.37 -2.81 30.35
CA GLU B 308 8.39 -2.77 30.43
C GLU B 308 9.89 -2.68 30.31
C GLU B 308 9.92 -2.74 30.32
N GLU B 309 10.47 -2.57 29.11
CA GLU B 309 11.95 -2.59 28.92
C GLU B 309 12.64 -1.31 29.39
N TYR B 310 12.03 -0.12 29.32
CA TYR B 310 12.77 1.17 29.57
C TYR B 310 12.10 2.03 30.63
N GLY B 311 10.91 1.69 31.11
CA GLY B 311 10.18 2.44 32.14
C GLY B 311 9.52 3.73 31.62
N VAL B 312 9.35 3.89 30.29
CA VAL B 312 8.83 5.16 29.68
C VAL B 312 7.34 5.01 29.43
N GLN B 313 6.54 5.92 29.99
CA GLN B 313 5.06 5.83 30.07
C GLN B 313 4.40 6.70 28.97
N GLY B 314 4.70 8.00 28.91
CA GLY B 314 4.03 8.94 27.98
C GLY B 314 2.56 9.20 28.30
N TRP B 315 1.94 10.17 27.60
CA TRP B 315 0.57 10.67 27.81
C TRP B 315 -0.30 10.25 26.62
N ALA B 316 -1.41 9.53 26.85
CA ALA B 316 -2.43 9.19 25.82
C ALA B 316 -3.55 10.23 25.91
N ILE B 317 -3.67 11.04 24.86
CA ILE B 317 -4.61 12.21 24.82
C ILE B 317 -5.58 12.06 23.64
N VAL B 318 -6.88 12.14 23.93
CA VAL B 318 -7.93 12.33 22.89
C VAL B 318 -8.19 13.81 22.76
N GLN B 319 -7.92 14.39 21.57
CA GLN B 319 -8.23 15.79 21.24
C GLN B 319 -9.64 15.80 20.64
N PHE B 320 -10.58 16.46 21.31
CA PHE B 320 -11.96 16.65 20.84
C PHE B 320 -12.05 17.97 20.07
N LEU B 321 -13.19 18.24 19.43
CA LEU B 321 -13.46 19.55 18.80
C LEU B 321 -13.19 20.67 19.81
N GLY B 322 -12.39 21.67 19.43
CA GLY B 322 -12.07 22.85 20.26
C GLY B 322 -10.90 22.65 21.22
N ASP B 323 -10.29 21.46 21.30
CA ASP B 323 -9.16 21.18 22.22
C ASP B 323 -7.86 21.74 21.60
N ALA B 324 -7.13 22.59 22.34
CA ALA B 324 -5.76 23.00 22.04
C ALA B 324 -4.77 22.15 22.84
N VAL B 325 -3.88 21.45 22.13
CA VAL B 325 -2.80 20.61 22.72
C VAL B 325 -1.49 21.38 22.66
N PHE B 326 -0.88 21.65 23.83
CA PHE B 326 0.45 22.31 23.96
C PHE B 326 1.53 21.24 24.00
N ILE B 327 2.47 21.33 23.07
CA ILE B 327 3.55 20.31 22.84
C ILE B 327 4.91 20.95 23.13
N PRO B 328 5.63 20.53 24.20
CA PRO B 328 6.97 21.05 24.49
C PRO B 328 7.99 20.71 23.40
N ALA B 329 8.83 21.69 23.05
CA ALA B 329 9.98 21.47 22.15
C ALA B 329 10.72 20.17 22.53
N GLY B 330 10.95 19.28 21.56
CA GLY B 330 11.76 18.08 21.79
C GLY B 330 10.94 16.90 22.31
N ALA B 331 9.66 17.07 22.63
CA ALA B 331 8.79 15.98 23.15
C ALA B 331 8.37 15.14 21.94
N PRO B 332 8.83 13.87 21.79
CA PRO B 332 8.34 13.02 20.69
C PRO B 332 6.83 12.77 20.74
N HIS B 333 6.18 12.75 19.58
CA HIS B 333 4.72 12.59 19.52
C HIS B 333 4.30 12.01 18.17
N GLN B 334 3.16 11.33 18.21
CA GLN B 334 2.47 10.67 17.06
C GLN B 334 0.98 10.98 17.15
N VAL B 335 0.27 10.97 16.01
CA VAL B 335 -1.17 11.31 15.94
C VAL B 335 -1.91 10.25 15.12
N HIS B 336 -3.07 9.78 15.60
CA HIS B 336 -3.96 8.81 14.89
C HIS B 336 -5.35 9.42 14.79
N ASN B 337 -5.79 9.88 13.60
CA ASN B 337 -7.14 10.46 13.42
C ASN B 337 -8.21 9.33 13.59
N LEU B 338 -9.17 9.56 14.50
CA LEU B 338 -10.36 8.70 14.75
C LEU B 338 -11.47 9.02 13.76
N TYR B 339 -11.68 10.30 13.46
CA TYR B 339 -12.60 10.79 12.41
C TYR B 339 -11.83 11.78 11.50
N SER B 340 -12.46 12.29 10.46
CA SER B 340 -11.84 13.32 9.59
C SER B 340 -11.61 14.60 10.43
N CYS B 341 -10.40 15.15 10.39
CA CYS B 341 -10.01 16.33 11.24
C CYS B 341 -9.44 17.48 10.40
N ILE B 342 -9.82 18.72 10.77
CA ILE B 342 -9.08 19.97 10.43
C ILE B 342 -8.38 20.48 11.71
N LYS B 343 -7.05 20.55 11.70
CA LYS B 343 -6.22 21.08 12.84
C LYS B 343 -5.46 22.30 12.32
N VAL B 344 -5.18 23.28 13.19
CA VAL B 344 -4.27 24.42 12.87
C VAL B 344 -3.30 24.54 14.04
N ALA B 345 -2.01 24.58 13.74
CA ALA B 345 -0.90 24.60 14.73
C ALA B 345 -0.04 25.85 14.53
N GLU B 346 0.43 26.42 15.63
CA GLU B 346 1.30 27.65 15.63
C GLU B 346 2.53 27.33 16.47
N ASP B 347 3.71 27.60 15.94
CA ASP B 347 5.00 27.43 16.67
C ASP B 347 5.27 28.70 17.50
N PHE B 348 5.97 28.54 18.63
CA PHE B 348 6.43 29.67 19.49
C PHE B 348 7.67 29.25 20.29
N VAL B 349 8.28 30.21 21.03
CA VAL B 349 9.45 29.90 21.88
C VAL B 349 9.25 30.47 23.30
N SER B 350 9.02 29.59 24.28
CA SER B 350 8.86 30.02 25.68
C SER B 350 10.24 30.17 26.34
N PRO B 351 10.37 31.11 27.29
CA PRO B 351 11.60 31.23 28.08
C PRO B 351 12.01 29.92 28.78
N GLU B 352 11.03 29.17 29.27
CA GLU B 352 11.20 27.90 30.03
C GLU B 352 11.97 26.89 29.18
N HIS B 353 11.83 26.94 27.85
CA HIS B 353 12.39 25.89 26.97
C HIS B 353 13.45 26.45 26.00
N VAL B 354 14.00 27.66 26.21
CA VAL B 354 14.92 28.28 25.22
C VAL B 354 16.22 27.46 25.12
N LYS B 355 16.69 26.90 26.22
CA LYS B 355 17.92 26.05 26.19
C LYS B 355 17.68 24.84 25.26
N HIS B 356 16.53 24.19 25.42
CA HIS B 356 16.08 23.02 24.61
C HIS B 356 16.08 23.40 23.12
N CYS B 357 15.48 24.55 22.80
CA CYS B 357 15.33 25.07 21.42
C CYS B 357 16.71 25.27 20.76
N PHE B 358 17.71 25.74 21.51
CA PHE B 358 19.09 25.94 21.00
C PHE B 358 19.67 24.57 20.61
N ARG B 359 19.58 23.59 21.51
CA ARG B 359 20.19 22.24 21.32
C ARG B 359 19.51 21.52 20.15
N LEU B 360 18.19 21.61 20.07
CA LEU B 360 17.41 20.91 19.00
C LEU B 360 17.73 21.50 17.64
N THR B 361 17.91 22.83 17.58
CA THR B 361 18.27 23.54 16.34
C THR B 361 19.66 23.03 15.90
N GLN B 362 20.60 22.92 16.84
CA GLN B 362 21.99 22.44 16.58
C GLN B 362 21.89 21.01 16.00
N GLU B 363 21.16 20.14 16.69
CA GLU B 363 21.02 18.69 16.34
C GLU B 363 20.31 18.58 14.99
N PHE B 364 19.32 19.43 14.70
CA PHE B 364 18.65 19.42 13.37
C PHE B 364 19.67 19.75 12.28
N ARG B 365 20.45 20.82 12.41
CA ARG B 365 21.46 21.21 11.38
C ARG B 365 22.45 20.06 11.15
N HIS B 366 22.87 19.35 12.20
CA HIS B 366 23.81 18.19 12.10
C HIS B 366 23.14 17.01 11.37
N LEU B 367 21.88 16.67 11.68
CA LEU B 367 21.14 15.55 11.04
C LEU B 367 20.88 15.89 9.57
N SER B 368 20.81 17.17 9.22
CA SER B 368 20.54 17.64 7.84
C SER B 368 21.66 17.22 6.89
N ASN B 369 22.92 17.36 7.31
CA ASN B 369 24.11 17.08 6.44
C ASN B 369 25.07 16.14 7.18
#